data_1WMT
#
_entry.id   1WMT
#
_entity_poly.entity_id   1
_entity_poly.type   'polypeptide(L)'
_entity_poly.pdbx_seq_one_letter_code
;VHTNIPCRGTSDCYEPCEKKYNCARAKCMNRHCNCYNNCPW
;
_entity_poly.pdbx_strand_id   A
#
# COMPACT_ATOMS: atom_id res chain seq x y z
CA VAL A 1 -2.84 -0.02 -7.29
C VAL A 1 -1.49 0.65 -6.96
N HIS A 2 -0.79 1.09 -7.97
CA HIS A 2 0.52 1.74 -7.75
C HIS A 2 0.29 3.15 -7.21
N THR A 3 0.69 3.42 -5.99
CA THR A 3 0.49 4.79 -5.41
C THR A 3 1.85 5.47 -5.29
N ASN A 4 1.87 6.73 -4.98
CA ASN A 4 3.16 7.45 -4.85
C ASN A 4 3.37 7.86 -3.41
N ILE A 5 2.88 7.05 -2.53
CA ILE A 5 3.03 7.31 -1.08
C ILE A 5 4.50 7.05 -0.73
N PRO A 6 5.15 8.01 -0.15
CA PRO A 6 6.59 7.89 0.21
C PRO A 6 6.83 6.99 1.43
N CYS A 7 7.42 5.84 1.20
CA CYS A 7 7.69 4.89 2.33
C CYS A 7 9.03 4.21 2.16
N ARG A 8 9.27 3.25 3.01
CA ARG A 8 10.56 2.53 2.99
C ARG A 8 10.30 1.03 2.88
N GLY A 9 9.20 0.57 3.40
CA GLY A 9 8.90 -0.90 3.35
C GLY A 9 7.40 -1.14 3.27
N THR A 10 7.03 -2.26 2.71
CA THR A 10 5.59 -2.60 2.56
C THR A 10 4.89 -2.59 3.92
N SER A 11 5.43 -3.30 4.86
CA SER A 11 4.80 -3.37 6.20
C SER A 11 4.86 -2.01 6.91
N ASP A 12 4.60 -0.95 6.21
CA ASP A 12 4.66 0.39 6.85
C ASP A 12 3.91 1.33 5.93
N CYS A 13 4.14 1.16 4.68
CA CYS A 13 3.47 1.98 3.66
C CYS A 13 2.11 1.38 3.34
N TYR A 14 1.89 0.16 3.72
CA TYR A 14 0.61 -0.47 3.38
C TYR A 14 -0.46 -0.09 4.40
N GLU A 15 -0.11 0.72 5.36
CA GLU A 15 -1.11 1.16 6.37
C GLU A 15 -2.05 2.17 5.71
N PRO A 16 -1.51 3.08 4.93
CA PRO A 16 -2.32 4.07 4.18
C PRO A 16 -3.26 3.37 3.20
N CYS A 17 -2.88 2.22 2.71
CA CYS A 17 -3.76 1.50 1.75
C CYS A 17 -4.90 0.85 2.53
N GLU A 18 -4.66 0.48 3.77
CA GLU A 18 -5.73 -0.11 4.63
C GLU A 18 -6.65 1.00 5.09
N LYS A 19 -6.04 1.97 5.66
CA LYS A 19 -6.77 3.14 6.20
C LYS A 19 -7.44 3.88 5.06
N LYS A 20 -6.83 3.92 3.90
CA LYS A 20 -7.48 4.65 2.78
C LYS A 20 -8.35 3.70 1.94
N TYR A 21 -7.76 2.81 1.18
CA TYR A 21 -8.58 1.92 0.34
C TYR A 21 -9.16 0.77 1.16
N ASN A 22 -8.78 0.67 2.40
CA ASN A 22 -9.31 -0.45 3.24
C ASN A 22 -9.02 -1.79 2.57
N CYS A 23 -7.81 -1.97 2.11
CA CYS A 23 -7.45 -3.25 1.44
C CYS A 23 -6.07 -3.70 1.88
N ALA A 24 -5.21 -2.78 2.15
CA ALA A 24 -3.85 -3.15 2.61
C ALA A 24 -3.14 -3.99 1.55
N ARG A 25 -2.41 -4.97 1.98
CA ARG A 25 -1.67 -5.85 1.03
C ARG A 25 -0.92 -4.96 0.06
N ALA A 26 -0.31 -3.91 0.55
CA ALA A 26 0.43 -2.99 -0.36
C ALA A 26 1.91 -3.35 -0.41
N LYS A 27 2.61 -2.79 -1.36
CA LYS A 27 4.07 -3.06 -1.47
C LYS A 27 4.81 -1.72 -1.53
N CYS A 28 5.78 -1.52 -0.68
CA CYS A 28 6.53 -0.23 -0.71
C CYS A 28 7.62 -0.34 -1.76
N MET A 29 7.26 -0.18 -3.01
CA MET A 29 8.25 -0.28 -4.11
C MET A 29 8.61 1.11 -4.61
N ASN A 30 9.80 1.27 -5.13
CA ASN A 30 10.21 2.60 -5.64
C ASN A 30 9.97 3.64 -4.53
N ARG A 31 10.50 3.41 -3.37
CA ARG A 31 10.31 4.34 -2.21
C ARG A 31 8.87 4.85 -2.23
N HIS A 32 7.98 4.03 -2.67
CA HIS A 32 6.55 4.44 -2.73
C HIS A 32 5.62 3.24 -2.48
N CYS A 33 4.37 3.49 -2.22
CA CYS A 33 3.40 2.39 -1.95
C CYS A 33 2.94 1.71 -3.25
N ASN A 34 2.68 0.43 -3.20
CA ASN A 34 2.20 -0.29 -4.41
C ASN A 34 1.24 -1.42 -4.00
N CYS A 35 -0.04 -1.15 -3.82
CA CYS A 35 -0.98 -2.24 -3.43
C CYS A 35 -1.75 -2.74 -4.66
N TYR A 36 -2.73 -3.59 -4.46
CA TYR A 36 -3.53 -4.11 -5.62
C TYR A 36 -5.02 -4.04 -5.31
N ASN A 37 -5.37 -3.64 -4.12
CA ASN A 37 -6.81 -3.57 -3.75
C ASN A 37 -7.49 -4.90 -4.11
N ASN A 38 -6.79 -5.99 -3.96
CA ASN A 38 -7.39 -7.32 -4.30
C ASN A 38 -8.15 -7.90 -3.10
N CYS A 39 -7.95 -7.37 -1.92
CA CYS A 39 -8.66 -7.88 -0.72
C CYS A 39 -10.17 -7.53 -0.84
N PRO A 40 -11.03 -8.52 -0.97
CA PRO A 40 -12.50 -8.29 -1.11
C PRO A 40 -13.07 -7.27 -0.13
N TRP A 41 -13.08 -7.60 1.13
CA TRP A 41 -13.61 -6.66 2.18
C TRP A 41 -15.06 -6.31 1.85
CA VAL A 1 -2.94 0.19 -7.74
C VAL A 1 -1.60 0.82 -7.32
N HIS A 2 -0.80 1.23 -8.26
CA HIS A 2 0.51 1.84 -7.93
C HIS A 2 0.28 3.24 -7.37
N THR A 3 0.78 3.51 -6.19
CA THR A 3 0.58 4.86 -5.59
C THR A 3 1.93 5.55 -5.39
N ASN A 4 1.93 6.83 -5.16
CA ASN A 4 3.21 7.57 -4.96
C ASN A 4 3.37 7.92 -3.50
N ILE A 5 2.88 7.06 -2.67
CA ILE A 5 2.98 7.25 -1.21
C ILE A 5 4.41 6.91 -0.79
N PRO A 6 5.10 7.85 -0.22
CA PRO A 6 6.53 7.68 0.18
C PRO A 6 6.75 6.84 1.44
N CYS A 7 7.30 5.65 1.27
CA CYS A 7 7.61 4.77 2.44
C CYS A 7 9.03 4.26 2.35
N ARG A 8 9.32 3.24 3.11
CA ARG A 8 10.67 2.62 3.09
C ARG A 8 10.49 1.11 3.19
N GLY A 9 9.60 0.67 4.04
CA GLY A 9 9.34 -0.80 4.20
C GLY A 9 7.87 -1.07 3.90
N THR A 10 7.57 -2.18 3.29
CA THR A 10 6.14 -2.47 2.97
C THR A 10 5.32 -2.32 4.24
N SER A 11 5.78 -2.87 5.33
CA SER A 11 5.05 -2.73 6.60
C SER A 11 5.09 -1.26 6.99
N ASP A 12 4.75 -0.42 6.05
CA ASP A 12 4.77 1.04 6.31
C ASP A 12 4.01 1.70 5.16
N CYS A 13 4.25 1.20 3.98
CA CYS A 13 3.52 1.75 2.80
C CYS A 13 2.15 1.13 2.76
N TYR A 14 1.97 0.04 3.45
CA TYR A 14 0.67 -0.64 3.39
C TYR A 14 -0.32 -0.09 4.42
N GLU A 15 0.07 0.87 5.21
CA GLU A 15 -0.88 1.44 6.18
C GLU A 15 -1.85 2.35 5.42
N PRO A 16 -1.36 3.11 4.47
CA PRO A 16 -2.22 3.97 3.61
C PRO A 16 -3.18 3.11 2.81
N CYS A 17 -2.85 1.87 2.58
CA CYS A 17 -3.77 0.99 1.79
C CYS A 17 -4.93 0.57 2.69
N GLU A 18 -4.65 0.33 3.93
CA GLU A 18 -5.71 -0.11 4.87
C GLU A 18 -6.65 1.04 5.17
N LYS A 19 -6.09 2.07 5.69
CA LYS A 19 -6.90 3.25 6.05
C LYS A 19 -7.47 3.87 4.78
N LYS A 20 -6.78 3.74 3.66
CA LYS A 20 -7.34 4.34 2.41
C LYS A 20 -8.22 3.31 1.70
N TYR A 21 -7.63 2.34 1.05
CA TYR A 21 -8.43 1.33 0.32
C TYR A 21 -8.93 0.21 1.23
N ASN A 22 -8.57 0.21 2.48
CA ASN A 22 -9.03 -0.91 3.35
C ASN A 22 -8.69 -2.23 2.65
N CYS A 23 -7.45 -2.38 2.24
CA CYS A 23 -7.03 -3.63 1.53
C CYS A 23 -5.72 -4.11 2.10
N ALA A 24 -4.87 -3.22 2.44
CA ALA A 24 -3.60 -3.64 3.04
C ALA A 24 -2.79 -4.52 2.09
N ARG A 25 -2.06 -5.44 2.64
CA ARG A 25 -1.19 -6.35 1.85
C ARG A 25 -0.54 -5.57 0.70
N ALA A 26 -0.19 -4.34 0.96
CA ALA A 26 0.43 -3.50 -0.08
C ALA A 26 1.93 -3.79 -0.18
N LYS A 27 2.61 -3.14 -1.09
CA LYS A 27 4.07 -3.38 -1.27
C LYS A 27 4.84 -2.06 -1.27
N CYS A 28 5.96 -2.00 -0.58
CA CYS A 28 6.76 -0.74 -0.56
C CYS A 28 7.69 -0.76 -1.78
N MET A 29 7.24 -0.24 -2.89
CA MET A 29 8.10 -0.26 -4.10
C MET A 29 9.07 0.94 -4.05
N ASN A 30 9.43 1.48 -5.17
CA ASN A 30 10.39 2.61 -5.16
C ASN A 30 9.89 3.69 -4.22
N ARG A 31 10.32 3.63 -2.98
CA ARG A 31 9.92 4.64 -1.96
C ARG A 31 8.49 5.05 -2.22
N HIS A 32 7.71 4.12 -2.68
CA HIS A 32 6.28 4.43 -2.98
C HIS A 32 5.40 3.22 -2.67
N CYS A 33 4.15 3.44 -2.33
CA CYS A 33 3.24 2.32 -1.98
C CYS A 33 2.67 1.66 -3.24
N ASN A 34 2.47 0.36 -3.19
CA ASN A 34 1.91 -0.38 -4.36
C ASN A 34 0.87 -1.37 -3.84
N CYS A 35 -0.40 -1.08 -4.01
CA CYS A 35 -1.45 -2.02 -3.53
C CYS A 35 -2.22 -2.58 -4.73
N TYR A 36 -3.39 -3.12 -4.54
CA TYR A 36 -4.16 -3.68 -5.69
C TYR A 36 -5.67 -3.50 -5.48
N ASN A 37 -6.08 -2.91 -4.39
CA ASN A 37 -7.54 -2.74 -4.16
C ASN A 37 -8.26 -4.06 -4.41
N ASN A 38 -7.52 -5.14 -4.56
CA ASN A 38 -8.15 -6.45 -4.83
C ASN A 38 -8.57 -7.13 -3.53
N CYS A 39 -8.28 -6.52 -2.40
CA CYS A 39 -8.69 -7.16 -1.12
C CYS A 39 -10.22 -7.19 -1.05
N PRO A 40 -10.82 -8.33 -0.84
CA PRO A 40 -12.29 -8.45 -0.74
C PRO A 40 -12.94 -7.32 0.06
N TRP A 41 -12.16 -6.62 0.84
CA TRP A 41 -12.73 -5.51 1.67
C TRP A 41 -11.84 -4.26 1.58
CA VAL A 1 -3.42 0.14 -6.80
C VAL A 1 -2.02 0.76 -6.63
N HIS A 2 -1.41 1.14 -7.72
CA HIS A 2 -0.06 1.73 -7.66
C HIS A 2 -0.15 3.16 -7.10
N THR A 3 0.54 3.44 -6.02
CA THR A 3 0.47 4.81 -5.44
C THR A 3 1.88 5.38 -5.32
N ASN A 4 1.98 6.66 -5.07
CA ASN A 4 3.31 7.33 -4.95
C ASN A 4 3.51 7.75 -3.51
N ILE A 5 2.95 7.01 -2.62
CA ILE A 5 3.09 7.32 -1.18
C ILE A 5 4.55 7.03 -0.81
N PRO A 6 5.21 7.98 -0.24
CA PRO A 6 6.64 7.85 0.14
C PRO A 6 6.86 6.97 1.38
N CYS A 7 7.45 5.83 1.18
CA CYS A 7 7.73 4.88 2.31
C CYS A 7 9.10 4.24 2.13
N ARG A 8 9.38 3.27 2.95
CA ARG A 8 10.69 2.54 2.86
C ARG A 8 10.37 1.06 2.63
N GLY A 9 9.44 0.54 3.37
CA GLY A 9 9.07 -0.89 3.24
C GLY A 9 7.56 -1.07 3.19
N THR A 10 7.12 -2.15 2.63
CA THR A 10 5.67 -2.43 2.52
C THR A 10 5.03 -2.45 3.90
N SER A 11 5.63 -3.17 4.81
CA SER A 11 5.06 -3.28 6.18
C SER A 11 5.07 -1.93 6.87
N ASP A 12 4.76 -0.88 6.15
CA ASP A 12 4.74 0.46 6.78
C ASP A 12 4.02 1.38 5.81
N CYS A 13 4.21 1.12 4.56
CA CYS A 13 3.54 1.90 3.50
C CYS A 13 2.16 1.32 3.29
N TYR A 14 1.93 0.14 3.77
CA TYR A 14 0.63 -0.49 3.52
C TYR A 14 -0.43 -0.07 4.55
N GLU A 15 -0.09 0.77 5.49
CA GLU A 15 -1.11 1.23 6.46
C GLU A 15 -2.02 2.26 5.77
N PRO A 16 -1.44 3.15 4.99
CA PRO A 16 -2.23 4.16 4.20
C PRO A 16 -3.16 3.47 3.21
N CYS A 17 -2.79 2.29 2.79
CA CYS A 17 -3.66 1.55 1.82
C CYS A 17 -4.83 0.94 2.60
N GLU A 18 -4.59 0.54 3.84
CA GLU A 18 -5.69 -0.06 4.65
C GLU A 18 -6.64 1.01 5.10
N LYS A 19 -6.11 1.95 5.80
CA LYS A 19 -6.93 3.06 6.34
C LYS A 19 -7.50 3.88 5.20
N LYS A 20 -6.84 3.90 4.06
CA LYS A 20 -7.41 4.71 2.93
C LYS A 20 -8.31 3.85 2.05
N TYR A 21 -7.75 2.94 1.29
CA TYR A 21 -8.56 2.10 0.39
C TYR A 21 -9.18 0.93 1.15
N ASN A 22 -8.99 0.85 2.44
CA ASN A 22 -9.58 -0.29 3.21
C ASN A 22 -9.23 -1.60 2.51
N CYS A 23 -7.99 -1.74 2.08
CA CYS A 23 -7.60 -3.02 1.38
C CYS A 23 -6.25 -3.51 1.88
N ALA A 24 -5.36 -2.63 2.15
CA ALA A 24 -4.03 -3.05 2.66
C ALA A 24 -3.33 -3.97 1.67
N ARG A 25 -2.62 -4.95 2.17
CA ARG A 25 -1.89 -5.88 1.28
C ARG A 25 -1.15 -5.07 0.23
N ALA A 26 -0.46 -4.03 0.64
CA ALA A 26 0.28 -3.17 -0.34
C ALA A 26 1.74 -3.57 -0.46
N LYS A 27 2.49 -2.83 -1.23
CA LYS A 27 3.95 -3.12 -1.39
C LYS A 27 4.69 -1.78 -1.49
N CYS A 28 5.70 -1.55 -0.69
CA CYS A 28 6.42 -0.26 -0.79
C CYS A 28 7.49 -0.34 -1.89
N MET A 29 7.08 -0.17 -3.12
CA MET A 29 8.06 -0.26 -4.24
C MET A 29 8.61 1.15 -4.55
N ASN A 30 9.85 1.21 -4.94
CA ASN A 30 10.46 2.54 -5.26
C ASN A 30 10.10 3.55 -4.17
N ARG A 31 10.47 3.27 -2.94
CA ARG A 31 10.14 4.21 -1.83
C ARG A 31 8.73 4.71 -2.01
N HIS A 32 7.87 3.87 -2.48
CA HIS A 32 6.45 4.28 -2.69
C HIS A 32 5.49 3.12 -2.40
N CYS A 33 4.24 3.43 -2.16
CA CYS A 33 3.22 2.37 -1.86
C CYS A 33 2.75 1.70 -3.15
N ASN A 34 2.55 0.42 -3.11
CA ASN A 34 2.06 -0.29 -4.32
C ASN A 34 1.12 -1.43 -3.93
N CYS A 35 -0.17 -1.18 -3.81
CA CYS A 35 -1.09 -2.28 -3.48
C CYS A 35 -1.79 -2.71 -4.77
N TYR A 36 -2.76 -3.58 -4.69
CA TYR A 36 -3.46 -4.04 -5.93
C TYR A 36 -4.97 -4.06 -5.67
N ASN A 37 -5.39 -3.63 -4.51
CA ASN A 37 -6.85 -3.63 -4.19
C ASN A 37 -7.40 -5.05 -4.43
N ASN A 38 -6.57 -6.05 -4.30
CA ASN A 38 -7.02 -7.46 -4.53
C ASN A 38 -7.55 -8.07 -3.23
N CYS A 39 -7.44 -7.37 -2.13
CA CYS A 39 -7.93 -7.93 -0.84
C CYS A 39 -9.45 -8.14 -0.91
N PRO A 40 -9.91 -9.37 -0.82
CA PRO A 40 -11.36 -9.68 -0.90
C PRO A 40 -12.19 -8.86 0.11
N TRP A 41 -11.85 -8.98 1.35
CA TRP A 41 -12.57 -8.25 2.43
C TRP A 41 -14.08 -8.36 2.24
CA VAL A 1 -3.41 0.09 -6.11
C VAL A 1 -2.04 0.77 -6.13
N HIS A 2 -1.63 1.25 -7.26
CA HIS A 2 -0.31 1.91 -7.37
C HIS A 2 -0.40 3.31 -6.73
N THR A 3 0.43 3.62 -5.76
CA THR A 3 0.35 4.97 -5.11
C THR A 3 1.73 5.61 -5.02
N ASN A 4 1.79 6.89 -4.75
CA ASN A 4 3.10 7.59 -4.66
C ASN A 4 3.38 7.93 -3.20
N ILE A 5 2.96 7.09 -2.34
CA ILE A 5 3.16 7.30 -0.89
C ILE A 5 4.60 6.95 -0.54
N PRO A 6 5.31 7.87 0.06
CA PRO A 6 6.73 7.66 0.42
C PRO A 6 6.92 6.64 1.54
N CYS A 7 7.46 5.49 1.21
CA CYS A 7 7.69 4.42 2.23
C CYS A 7 9.00 3.68 1.95
N ARG A 8 9.19 2.58 2.62
CA ARG A 8 10.42 1.77 2.42
C ARG A 8 10.00 0.32 2.17
N GLY A 9 9.14 -0.18 3.02
CA GLY A 9 8.67 -1.59 2.90
C GLY A 9 7.14 -1.65 2.88
N THR A 10 6.61 -2.71 2.34
CA THR A 10 5.13 -2.85 2.28
C THR A 10 4.55 -2.78 3.69
N SER A 11 5.12 -3.49 4.60
CA SER A 11 4.60 -3.49 5.99
C SER A 11 4.77 -2.10 6.60
N ASP A 12 4.50 -1.08 5.84
CA ASP A 12 4.64 0.31 6.36
C ASP A 12 3.92 1.24 5.40
N CYS A 13 4.06 0.97 4.14
CA CYS A 13 3.38 1.79 3.12
C CYS A 13 1.99 1.26 2.92
N TYR A 14 1.73 0.10 3.42
CA TYR A 14 0.40 -0.52 3.21
C TYR A 14 -0.62 -0.08 4.26
N GLU A 15 -0.23 0.76 5.17
CA GLU A 15 -1.21 1.22 6.18
C GLU A 15 -2.12 2.24 5.54
N PRO A 16 -1.58 3.12 4.74
CA PRO A 16 -2.38 4.14 4.00
C PRO A 16 -3.36 3.47 3.04
N CYS A 17 -3.02 2.30 2.56
CA CYS A 17 -3.92 1.60 1.61
C CYS A 17 -5.07 0.96 2.38
N GLU A 18 -4.84 0.54 3.61
CA GLU A 18 -5.94 -0.06 4.39
C GLU A 18 -6.89 1.05 4.77
N LYS A 19 -6.35 2.03 5.39
CA LYS A 19 -7.15 3.20 5.82
C LYS A 19 -7.65 3.96 4.60
N LYS A 20 -6.92 3.95 3.52
CA LYS A 20 -7.41 4.72 2.33
C LYS A 20 -8.35 3.86 1.49
N TYR A 21 -7.84 2.89 0.78
CA TYR A 21 -8.71 2.05 -0.08
C TYR A 21 -9.38 0.95 0.75
N ASN A 22 -9.17 0.92 2.02
CA ASN A 22 -9.78 -0.16 2.85
C ASN A 22 -9.23 -1.51 2.41
N CYS A 23 -8.00 -1.54 1.97
CA CYS A 23 -7.37 -2.83 1.54
C CYS A 23 -5.87 -2.78 1.83
N ALA A 24 -5.42 -3.54 2.78
CA ALA A 24 -3.98 -3.53 3.13
C ALA A 24 -3.18 -4.37 2.13
N ARG A 25 -2.25 -5.15 2.62
CA ARG A 25 -1.39 -5.99 1.71
C ARG A 25 -0.96 -5.16 0.50
N ALA A 26 -0.07 -4.21 0.70
CA ALA A 26 0.40 -3.36 -0.43
C ALA A 26 1.82 -3.74 -0.83
N LYS A 27 2.46 -2.92 -1.62
CA LYS A 27 3.87 -3.19 -2.02
C LYS A 27 4.64 -1.87 -1.96
N CYS A 28 5.62 -1.76 -1.11
CA CYS A 28 6.39 -0.50 -1.05
C CYS A 28 7.49 -0.54 -2.11
N MET A 29 7.20 -0.03 -3.28
CA MET A 29 8.21 -0.04 -4.36
C MET A 29 9.00 1.26 -4.29
N ASN A 30 10.29 1.20 -4.43
CA ASN A 30 11.08 2.45 -4.35
C ASN A 30 10.68 3.22 -3.09
N ARG A 31 10.58 4.49 -3.24
CA ARG A 31 10.19 5.37 -2.12
C ARG A 31 8.71 5.67 -2.25
N HIS A 32 7.97 4.69 -2.69
CA HIS A 32 6.51 4.90 -2.87
C HIS A 32 5.71 3.62 -2.56
N CYS A 33 4.46 3.75 -2.18
CA CYS A 33 3.62 2.55 -1.88
C CYS A 33 2.96 2.04 -3.15
N ASN A 34 2.77 0.76 -3.24
CA ASN A 34 2.15 0.17 -4.46
C ASN A 34 1.28 -1.02 -4.05
N CYS A 35 0.02 -0.80 -3.76
CA CYS A 35 -0.84 -1.94 -3.35
C CYS A 35 -1.53 -2.53 -4.59
N TYR A 36 -2.49 -3.40 -4.39
CA TYR A 36 -3.23 -4.00 -5.54
C TYR A 36 -4.70 -4.17 -5.16
N ASN A 37 -5.13 -3.58 -4.09
CA ASN A 37 -6.56 -3.74 -3.68
C ASN A 37 -6.91 -5.23 -3.63
N ASN A 38 -5.97 -6.05 -3.25
CA ASN A 38 -6.25 -7.52 -3.19
C ASN A 38 -6.83 -7.92 -1.82
N CYS A 39 -7.23 -6.97 -1.02
CA CYS A 39 -7.78 -7.31 0.31
C CYS A 39 -9.06 -8.13 0.15
N PRO A 40 -9.29 -9.07 1.04
CA PRO A 40 -10.47 -9.95 0.99
C PRO A 40 -11.74 -9.17 0.63
N TRP A 41 -11.71 -7.87 0.80
CA TRP A 41 -12.90 -7.04 0.46
C TRP A 41 -12.46 -5.85 -0.39
CA VAL A 1 -3.58 0.35 -6.37
C VAL A 1 -2.17 0.96 -6.34
N HIS A 2 -1.61 1.25 -7.48
CA HIS A 2 -0.25 1.83 -7.51
C HIS A 2 -0.30 3.28 -7.03
N THR A 3 0.44 3.61 -5.99
CA THR A 3 0.40 5.01 -5.46
C THR A 3 1.81 5.56 -5.33
N ASN A 4 1.92 6.84 -5.07
CA ASN A 4 3.26 7.48 -4.92
C ASN A 4 3.45 7.85 -3.46
N ILE A 5 2.89 7.06 -2.60
CA ILE A 5 3.04 7.30 -1.16
C ILE A 5 4.48 7.00 -0.79
N PRO A 6 5.16 7.93 -0.21
CA PRO A 6 6.58 7.77 0.16
C PRO A 6 6.81 6.90 1.40
N CYS A 7 7.40 5.75 1.20
CA CYS A 7 7.67 4.81 2.34
C CYS A 7 9.05 4.21 2.23
N ARG A 8 9.32 3.30 3.10
CA ARG A 8 10.62 2.62 3.13
C ARG A 8 10.41 1.10 3.04
N GLY A 9 9.26 0.66 3.48
CA GLY A 9 8.96 -0.81 3.44
C GLY A 9 7.46 -1.02 3.43
N THR A 10 7.02 -2.14 2.93
CA THR A 10 5.57 -2.41 2.87
C THR A 10 4.98 -2.40 4.28
N SER A 11 5.63 -3.03 5.21
CA SER A 11 5.09 -3.06 6.60
C SER A 11 5.07 -1.63 7.15
N ASP A 12 4.71 -0.67 6.34
CA ASP A 12 4.66 0.73 6.80
C ASP A 12 3.91 1.53 5.75
N CYS A 13 4.14 1.21 4.51
CA CYS A 13 3.42 1.88 3.41
C CYS A 13 2.08 1.19 3.22
N TYR A 14 1.90 0.06 3.83
CA TYR A 14 0.64 -0.68 3.63
C TYR A 14 -0.44 -0.26 4.64
N GLU A 15 -0.11 0.64 5.53
CA GLU A 15 -1.12 1.12 6.49
C GLU A 15 -2.02 2.09 5.73
N PRO A 16 -1.45 2.93 4.91
CA PRO A 16 -2.24 3.86 4.06
C PRO A 16 -3.08 3.05 3.07
N CYS A 17 -2.71 1.83 2.82
CA CYS A 17 -3.50 1.01 1.87
C CYS A 17 -4.78 0.50 2.54
N GLU A 18 -4.71 0.08 3.78
CA GLU A 18 -5.91 -0.42 4.46
C GLU A 18 -6.78 0.76 4.86
N LYS A 19 -6.17 1.65 5.55
CA LYS A 19 -6.87 2.85 6.04
C LYS A 19 -7.31 3.72 4.87
N LYS A 20 -6.59 3.70 3.78
CA LYS A 20 -7.03 4.56 2.64
C LYS A 20 -7.96 3.79 1.72
N TYR A 21 -7.48 2.79 1.04
CA TYR A 21 -8.33 2.02 0.12
C TYR A 21 -9.15 0.98 0.89
N ASN A 22 -9.05 0.96 2.19
CA ASN A 22 -9.82 -0.05 3.00
C ASN A 22 -9.29 -1.44 2.65
N CYS A 23 -8.13 -1.49 2.05
CA CYS A 23 -7.55 -2.80 1.67
C CYS A 23 -6.03 -2.77 1.91
N ALA A 24 -5.53 -3.70 2.66
CA ALA A 24 -4.07 -3.74 2.96
C ALA A 24 -3.26 -4.50 1.89
N ARG A 25 -2.45 -5.44 2.32
CA ARG A 25 -1.56 -6.21 1.39
C ARG A 25 -0.95 -5.29 0.34
N ALA A 26 -0.18 -4.32 0.79
CA ALA A 26 0.45 -3.36 -0.17
C ALA A 26 1.92 -3.73 -0.37
N LYS A 27 2.62 -2.95 -1.15
CA LYS A 27 4.08 -3.19 -1.36
C LYS A 27 4.78 -1.83 -1.42
N CYS A 28 5.78 -1.62 -0.61
CA CYS A 28 6.48 -0.30 -0.66
C CYS A 28 7.53 -0.39 -1.77
N MET A 29 7.12 -0.24 -3.01
CA MET A 29 8.07 -0.34 -4.15
C MET A 29 8.44 1.04 -4.66
N ASN A 30 9.63 1.20 -5.19
CA ASN A 30 10.06 2.51 -5.71
C ASN A 30 9.93 3.54 -4.59
N ARG A 31 10.39 3.21 -3.42
CA ARG A 31 10.27 4.15 -2.27
C ARG A 31 8.87 4.73 -2.26
N HIS A 32 7.94 3.94 -2.72
CA HIS A 32 6.54 4.39 -2.78
C HIS A 32 5.59 3.22 -2.54
N CYS A 33 4.33 3.50 -2.36
CA CYS A 33 3.34 2.41 -2.08
C CYS A 33 2.90 1.73 -3.38
N ASN A 34 2.67 0.45 -3.33
CA ASN A 34 2.19 -0.30 -4.52
C ASN A 34 1.19 -1.36 -4.05
N CYS A 35 -0.09 -1.06 -4.08
CA CYS A 35 -1.09 -2.06 -3.62
C CYS A 35 -1.74 -2.72 -4.84
N TYR A 36 -2.82 -3.43 -4.65
CA TYR A 36 -3.47 -4.14 -5.80
C TYR A 36 -4.98 -3.87 -5.83
N ASN A 37 -5.50 -3.20 -4.83
CA ASN A 37 -6.97 -2.92 -4.82
C ASN A 37 -7.75 -4.25 -4.84
N ASN A 38 -7.26 -5.25 -4.18
CA ASN A 38 -7.99 -6.57 -4.15
C ASN A 38 -7.54 -7.35 -2.91
N CYS A 39 -7.69 -6.77 -1.76
CA CYS A 39 -7.27 -7.47 -0.50
C CYS A 39 -8.16 -8.69 -0.27
N PRO A 40 -7.74 -9.60 0.58
CA PRO A 40 -8.53 -10.82 0.90
C PRO A 40 -10.01 -10.49 1.11
N TRP A 41 -10.32 -9.22 1.21
CA TRP A 41 -11.73 -8.79 1.42
C TRP A 41 -12.66 -9.67 0.61
CA VAL A 1 -3.04 0.25 -7.33
C VAL A 1 -1.67 0.85 -6.97
N HIS A 2 -0.97 1.32 -7.97
CA HIS A 2 0.37 1.91 -7.72
C HIS A 2 0.18 3.28 -7.08
N THR A 3 0.66 3.44 -5.87
CA THR A 3 0.49 4.74 -5.16
C THR A 3 1.82 5.47 -5.08
N ASN A 4 1.78 6.71 -4.68
CA ASN A 4 3.02 7.51 -4.56
C ASN A 4 3.26 7.89 -3.12
N ILE A 5 2.86 7.04 -2.24
CA ILE A 5 3.05 7.30 -0.81
C ILE A 5 4.51 7.02 -0.49
N PRO A 6 5.20 7.94 0.10
CA PRO A 6 6.65 7.79 0.43
C PRO A 6 6.93 6.83 1.58
N CYS A 7 7.52 5.70 1.26
CA CYS A 7 7.86 4.69 2.31
C CYS A 7 9.14 3.98 1.95
N ARG A 8 9.42 2.90 2.63
CA ARG A 8 10.63 2.12 2.35
C ARG A 8 10.25 0.65 2.32
N GLY A 9 9.40 0.23 3.22
CA GLY A 9 8.99 -1.20 3.26
C GLY A 9 7.47 -1.28 3.20
N THR A 10 6.97 -2.29 2.55
CA THR A 10 5.50 -2.48 2.45
C THR A 10 4.92 -2.58 3.85
N SER A 11 5.56 -3.35 4.68
CA SER A 11 5.06 -3.53 6.06
C SER A 11 5.07 -2.22 6.83
N ASP A 12 4.78 -1.12 6.19
CA ASP A 12 4.76 0.17 6.93
C ASP A 12 3.99 1.15 6.08
N CYS A 13 4.21 1.07 4.82
CA CYS A 13 3.52 1.95 3.86
C CYS A 13 2.17 1.36 3.53
N TYR A 14 1.92 0.14 3.92
CA TYR A 14 0.65 -0.48 3.54
C TYR A 14 -0.49 -0.11 4.52
N GLU A 15 -0.21 0.70 5.50
CA GLU A 15 -1.29 1.10 6.43
C GLU A 15 -2.16 2.13 5.72
N PRO A 16 -1.55 3.05 5.02
CA PRO A 16 -2.29 4.07 4.21
C PRO A 16 -3.11 3.38 3.11
N CYS A 17 -2.67 2.23 2.67
CA CYS A 17 -3.42 1.50 1.60
C CYS A 17 -4.69 0.90 2.20
N GLU A 18 -4.65 0.46 3.44
CA GLU A 18 -5.87 -0.12 4.07
C GLU A 18 -6.83 1.01 4.38
N LYS A 19 -6.35 1.96 5.09
CA LYS A 19 -7.18 3.11 5.47
C LYS A 19 -7.58 3.90 4.23
N LYS A 20 -6.76 3.88 3.22
CA LYS A 20 -7.15 4.66 1.99
C LYS A 20 -7.98 3.79 1.06
N TYR A 21 -7.36 2.85 0.40
CA TYR A 21 -8.10 1.99 -0.54
C TYR A 21 -8.92 0.96 0.24
N ASN A 22 -8.85 0.99 1.54
CA ASN A 22 -9.61 -0.01 2.34
C ASN A 22 -8.98 -1.39 2.14
N CYS A 23 -7.73 -1.43 1.73
CA CYS A 23 -7.08 -2.75 1.51
C CYS A 23 -5.60 -2.74 1.88
N ALA A 24 -5.21 -3.68 2.69
CA ALA A 24 -3.81 -3.84 3.12
C ALA A 24 -3.00 -4.58 2.07
N ARG A 25 -2.11 -5.43 2.52
CA ARG A 25 -1.25 -6.23 1.58
C ARG A 25 -0.71 -5.31 0.49
N ALA A 26 -0.24 -4.14 0.85
CA ALA A 26 0.28 -3.22 -0.20
C ALA A 26 1.75 -3.52 -0.48
N LYS A 27 2.31 -2.83 -1.44
CA LYS A 27 3.75 -3.05 -1.79
C LYS A 27 4.51 -1.71 -1.77
N CYS A 28 5.54 -1.59 -0.95
CA CYS A 28 6.31 -0.31 -0.93
C CYS A 28 7.37 -0.36 -2.02
N MET A 29 7.01 0.03 -3.22
CA MET A 29 7.97 -0.02 -4.35
C MET A 29 8.55 1.36 -4.62
N ASN A 30 9.80 1.41 -5.02
CA ASN A 30 10.46 2.71 -5.31
C ASN A 30 10.09 3.73 -4.25
N ARG A 31 10.44 3.45 -3.01
CA ARG A 31 10.12 4.39 -1.89
C ARG A 31 8.69 4.89 -2.03
N HIS A 32 7.82 4.03 -2.46
CA HIS A 32 6.39 4.45 -2.61
C HIS A 32 5.44 3.27 -2.38
N CYS A 33 4.21 3.54 -2.04
CA CYS A 33 3.22 2.44 -1.79
C CYS A 33 2.65 1.90 -3.10
N ASN A 34 2.33 0.63 -3.11
CA ASN A 34 1.75 0.03 -4.33
C ASN A 34 0.73 -1.07 -3.92
N CYS A 35 -0.52 -0.74 -3.69
CA CYS A 35 -1.49 -1.82 -3.30
C CYS A 35 -2.31 -2.21 -4.54
N TYR A 36 -3.28 -3.09 -4.39
CA TYR A 36 -4.11 -3.49 -5.57
C TYR A 36 -5.55 -3.75 -5.14
N ASN A 37 -5.93 -3.32 -3.97
CA ASN A 37 -7.32 -3.57 -3.49
C ASN A 37 -7.64 -5.07 -3.63
N ASN A 38 -6.64 -5.92 -3.58
CA ASN A 38 -6.90 -7.38 -3.70
C ASN A 38 -7.05 -8.01 -2.31
N CYS A 39 -7.31 -7.22 -1.30
CA CYS A 39 -7.45 -7.79 0.07
C CYS A 39 -8.57 -8.83 0.06
N PRO A 40 -8.69 -9.62 1.10
CA PRO A 40 -9.73 -10.67 1.16
C PRO A 40 -11.11 -10.17 0.75
N TRP A 41 -11.45 -8.95 1.07
CA TRP A 41 -12.78 -8.41 0.68
C TRP A 41 -12.65 -7.64 -0.63
CA VAL A 1 -2.80 -0.10 -7.61
C VAL A 1 -1.48 0.54 -7.17
N HIS A 2 -0.72 1.02 -8.11
CA HIS A 2 0.58 1.64 -7.77
C HIS A 2 0.32 3.01 -7.13
N THR A 3 0.87 3.24 -5.98
CA THR A 3 0.65 4.56 -5.30
C THR A 3 1.98 5.30 -5.21
N ASN A 4 1.93 6.59 -4.94
CA ASN A 4 3.19 7.37 -4.83
C ASN A 4 3.37 7.82 -3.39
N ILE A 5 2.84 7.05 -2.50
CA ILE A 5 2.99 7.36 -1.07
C ILE A 5 4.46 7.12 -0.73
N PRO A 6 5.08 8.05 -0.09
CA PRO A 6 6.52 7.94 0.26
C PRO A 6 6.79 6.98 1.43
N CYS A 7 7.43 5.88 1.15
CA CYS A 7 7.75 4.89 2.22
C CYS A 7 9.14 4.33 2.03
N ARG A 8 9.43 3.36 2.81
CA ARG A 8 10.76 2.71 2.77
C ARG A 8 10.55 1.18 2.80
N GLY A 9 9.43 0.75 3.29
CA GLY A 9 9.14 -0.70 3.35
C GLY A 9 7.64 -0.93 3.22
N THR A 10 7.26 -2.02 2.62
CA THR A 10 5.82 -2.30 2.44
C THR A 10 5.16 -2.41 3.81
N SER A 11 5.76 -3.18 4.67
CA SER A 11 5.21 -3.39 6.03
C SER A 11 5.21 -2.09 6.82
N ASP A 12 4.87 -1.01 6.20
CA ASP A 12 4.84 0.27 6.94
C ASP A 12 3.91 1.20 6.21
N CYS A 13 4.13 1.39 4.95
CA CYS A 13 3.22 2.26 4.18
C CYS A 13 2.06 1.43 3.64
N TYR A 14 1.95 0.16 3.97
CA TYR A 14 0.80 -0.60 3.43
C TYR A 14 -0.44 -0.32 4.30
N GLU A 15 -0.27 0.46 5.34
CA GLU A 15 -1.41 0.80 6.20
C GLU A 15 -2.26 1.87 5.49
N PRO A 16 -1.62 2.83 4.86
CA PRO A 16 -2.32 3.87 4.06
C PRO A 16 -3.13 3.23 2.93
N CYS A 17 -2.74 2.04 2.51
CA CYS A 17 -3.52 1.33 1.46
C CYS A 17 -4.76 0.74 2.14
N GLU A 18 -4.62 0.34 3.38
CA GLU A 18 -5.79 -0.23 4.13
C GLU A 18 -6.74 0.89 4.53
N LYS A 19 -6.22 1.81 5.26
CA LYS A 19 -7.04 2.94 5.75
C LYS A 19 -7.53 3.76 4.58
N LYS A 20 -6.81 3.78 3.49
CA LYS A 20 -7.33 4.58 2.32
C LYS A 20 -8.23 3.68 1.47
N TYR A 21 -7.65 2.74 0.79
CA TYR A 21 -8.45 1.85 -0.07
C TYR A 21 -9.18 0.84 0.80
N ASN A 22 -9.03 0.91 2.08
CA ASN A 22 -9.71 -0.06 2.97
C ASN A 22 -9.11 -1.44 2.69
N CYS A 23 -7.98 -1.49 2.02
CA CYS A 23 -7.37 -2.82 1.68
C CYS A 23 -5.85 -2.83 1.91
N ALA A 24 -5.41 -3.77 2.69
CA ALA A 24 -3.96 -3.94 2.98
C ALA A 24 -3.28 -4.69 1.84
N ARG A 25 -2.30 -5.48 2.18
CA ARG A 25 -1.56 -6.26 1.15
C ARG A 25 -0.98 -5.29 0.13
N ALA A 26 -0.29 -4.27 0.56
CA ALA A 26 0.30 -3.31 -0.40
C ALA A 26 1.74 -3.70 -0.69
N LYS A 27 2.40 -2.93 -1.51
CA LYS A 27 3.81 -3.22 -1.85
C LYS A 27 4.59 -1.91 -1.86
N CYS A 28 5.65 -1.82 -1.13
CA CYS A 28 6.42 -0.55 -1.11
C CYS A 28 7.46 -0.58 -2.23
N MET A 29 7.17 0.05 -3.33
CA MET A 29 8.11 0.05 -4.46
C MET A 29 8.75 1.43 -4.59
N ASN A 30 10.00 1.47 -4.97
CA ASN A 30 10.71 2.77 -5.13
C ASN A 30 10.32 3.72 -4.00
N ARG A 31 10.61 3.37 -2.78
CA ARG A 31 10.28 4.25 -1.63
C ARG A 31 8.87 4.82 -1.80
N HIS A 32 7.98 4.00 -2.29
CA HIS A 32 6.57 4.43 -2.48
C HIS A 32 5.63 3.24 -2.27
N CYS A 33 4.35 3.48 -2.04
CA CYS A 33 3.40 2.35 -1.81
C CYS A 33 2.82 1.82 -3.12
N ASN A 34 2.49 0.54 -3.14
CA ASN A 34 1.90 -0.07 -4.36
C ASN A 34 0.94 -1.21 -3.95
N CYS A 35 -0.35 -0.95 -3.80
CA CYS A 35 -1.28 -2.07 -3.43
C CYS A 35 -2.11 -2.46 -4.65
N TYR A 36 -3.11 -3.28 -4.47
CA TYR A 36 -3.97 -3.70 -5.62
C TYR A 36 -5.43 -3.65 -5.19
N ASN A 37 -5.69 -3.26 -3.97
CA ASN A 37 -7.09 -3.19 -3.49
C ASN A 37 -7.77 -4.55 -3.69
N ASN A 38 -7.02 -5.62 -3.62
CA ASN A 38 -7.61 -6.98 -3.82
C ASN A 38 -7.84 -7.66 -2.46
N CYS A 39 -7.81 -6.92 -1.38
CA CYS A 39 -8.04 -7.56 -0.05
C CYS A 39 -9.41 -8.26 -0.09
N PRO A 40 -9.89 -8.82 1.00
CA PRO A 40 -11.20 -9.53 0.97
C PRO A 40 -12.28 -8.71 0.27
N TRP A 41 -12.22 -7.41 0.36
CA TRP A 41 -13.24 -6.56 -0.33
C TRP A 41 -12.76 -6.28 -1.76
CA VAL A 1 -2.63 -0.06 -7.55
C VAL A 1 -1.32 0.60 -7.09
N HIS A 2 -0.54 1.05 -8.02
CA HIS A 2 0.73 1.70 -7.66
C HIS A 2 0.43 3.09 -7.11
N THR A 3 1.02 3.43 -6.00
CA THR A 3 0.75 4.75 -5.38
C THR A 3 2.06 5.52 -5.25
N ASN A 4 2.00 6.81 -5.13
CA ASN A 4 3.24 7.63 -5.01
C ASN A 4 3.45 8.03 -3.56
N ILE A 5 2.93 7.25 -2.68
CA ILE A 5 3.10 7.51 -1.24
C ILE A 5 4.55 7.21 -0.89
N PRO A 6 5.20 8.08 -0.17
CA PRO A 6 6.62 7.91 0.20
C PRO A 6 6.88 6.93 1.38
N CYS A 7 7.50 5.81 1.08
CA CYS A 7 7.83 4.82 2.15
C CYS A 7 9.18 4.18 1.89
N ARG A 8 9.46 3.10 2.57
CA ARG A 8 10.74 2.38 2.40
C ARG A 8 10.46 0.88 2.37
N GLY A 9 9.52 0.45 3.17
CA GLY A 9 9.18 -1.00 3.23
C GLY A 9 7.66 -1.19 3.21
N THR A 10 7.24 -2.32 2.74
CA THR A 10 5.79 -2.62 2.66
C THR A 10 5.14 -2.53 4.03
N SER A 11 5.76 -3.11 5.02
CA SER A 11 5.20 -3.08 6.39
C SER A 11 5.16 -1.65 6.92
N ASP A 12 4.83 -0.70 6.09
CA ASP A 12 4.80 0.69 6.58
C ASP A 12 4.05 1.51 5.54
N CYS A 13 4.25 1.18 4.31
CA CYS A 13 3.54 1.87 3.22
C CYS A 13 2.18 1.22 3.04
N TYR A 14 1.96 0.09 3.65
CA TYR A 14 0.68 -0.60 3.44
C TYR A 14 -0.41 -0.13 4.42
N GLU A 15 -0.12 0.77 5.31
CA GLU A 15 -1.19 1.26 6.21
C GLU A 15 -2.08 2.23 5.43
N PRO A 16 -1.51 3.07 4.61
CA PRO A 16 -2.27 4.02 3.76
C PRO A 16 -3.22 3.27 2.82
N CYS A 17 -2.86 2.08 2.44
CA CYS A 17 -3.75 1.28 1.55
C CYS A 17 -4.88 0.70 2.40
N GLU A 18 -4.62 0.49 3.68
CA GLU A 18 -5.67 -0.10 4.57
C GLU A 18 -6.76 0.92 4.84
N LYS A 19 -6.41 1.94 5.54
CA LYS A 19 -7.41 2.99 5.87
C LYS A 19 -7.91 3.64 4.58
N LYS A 20 -7.11 3.70 3.56
CA LYS A 20 -7.63 4.33 2.31
C LYS A 20 -8.32 3.29 1.44
N TYR A 21 -7.59 2.39 0.86
CA TYR A 21 -8.22 1.37 0.00
C TYR A 21 -8.86 0.26 0.83
N ASN A 22 -8.82 0.36 2.14
CA ASN A 22 -9.43 -0.71 2.99
C ASN A 22 -9.06 -2.08 2.41
N CYS A 23 -7.80 -2.31 2.15
CA CYS A 23 -7.42 -3.63 1.57
C CYS A 23 -6.07 -4.08 2.10
N ALA A 24 -5.24 -3.19 2.51
CA ALA A 24 -3.92 -3.58 3.02
C ALA A 24 -3.20 -4.42 1.97
N ARG A 25 -2.42 -5.36 2.40
CA ARG A 25 -1.67 -6.24 1.46
C ARG A 25 -0.97 -5.34 0.44
N ALA A 26 -0.39 -4.26 0.87
CA ALA A 26 0.29 -3.33 -0.08
C ALA A 26 1.78 -3.66 -0.20
N LYS A 27 2.49 -2.89 -0.98
CA LYS A 27 3.96 -3.14 -1.17
C LYS A 27 4.70 -1.81 -1.30
N CYS A 28 5.81 -1.65 -0.62
CA CYS A 28 6.58 -0.38 -0.73
C CYS A 28 7.61 -0.51 -1.86
N MET A 29 7.31 0.02 -3.02
CA MET A 29 8.27 -0.08 -4.17
C MET A 29 8.79 1.32 -4.50
N ASN A 30 10.01 1.41 -4.95
CA ASN A 30 10.58 2.74 -5.29
C ASN A 30 10.21 3.74 -4.19
N ARG A 31 10.55 3.43 -2.96
CA ARG A 31 10.22 4.31 -1.81
C ARG A 31 8.79 4.82 -1.97
N HIS A 32 7.91 3.97 -2.37
CA HIS A 32 6.49 4.41 -2.52
C HIS A 32 5.51 3.25 -2.22
N CYS A 33 4.25 3.56 -1.99
CA CYS A 33 3.25 2.49 -1.67
C CYS A 33 2.78 1.77 -2.93
N ASN A 34 2.49 0.50 -2.83
CA ASN A 34 2.01 -0.28 -4.02
C ASN A 34 0.98 -1.34 -3.60
N CYS A 35 -0.31 -1.04 -3.64
CA CYS A 35 -1.32 -2.07 -3.25
C CYS A 35 -2.14 -2.45 -4.48
N TYR A 36 -3.31 -3.02 -4.30
CA TYR A 36 -4.14 -3.41 -5.49
C TYR A 36 -5.64 -3.33 -5.14
N ASN A 37 -5.99 -2.84 -3.97
CA ASN A 37 -7.43 -2.75 -3.61
C ASN A 37 -8.08 -4.14 -3.74
N ASN A 38 -7.32 -5.13 -4.12
CA ASN A 38 -7.88 -6.50 -4.30
C ASN A 38 -7.82 -7.31 -2.99
N CYS A 39 -8.15 -6.73 -1.87
CA CYS A 39 -8.11 -7.50 -0.61
C CYS A 39 -9.16 -8.61 -0.64
N PRO A 40 -8.97 -9.67 0.12
CA PRO A 40 -9.94 -10.79 0.16
C PRO A 40 -11.38 -10.26 0.14
N TRP A 41 -11.80 -9.70 1.24
CA TRP A 41 -13.16 -9.10 1.33
C TRP A 41 -14.16 -9.96 0.54
CA VAL A 1 -2.71 0.09 -7.28
C VAL A 1 -1.37 0.77 -6.92
N HIS A 2 -0.69 1.30 -7.91
CA HIS A 2 0.59 1.98 -7.65
C HIS A 2 0.30 3.35 -7.02
N THR A 3 0.93 3.68 -5.93
CA THR A 3 0.67 5.00 -5.27
C THR A 3 1.98 5.75 -5.11
N ASN A 4 1.90 7.02 -4.79
CA ASN A 4 3.12 7.84 -4.63
C ASN A 4 3.35 8.16 -3.17
N ILE A 5 2.92 7.27 -2.34
CA ILE A 5 3.11 7.46 -0.89
C ILE A 5 4.57 7.11 -0.59
N PRO A 6 5.30 8.01 -0.02
CA PRO A 6 6.74 7.81 0.27
C PRO A 6 7.00 6.84 1.44
N CYS A 7 7.52 5.67 1.16
CA CYS A 7 7.79 4.67 2.24
C CYS A 7 9.08 3.91 1.97
N ARG A 8 9.32 2.90 2.76
CA ARG A 8 10.54 2.07 2.57
C ARG A 8 10.13 0.60 2.60
N GLY A 9 9.33 0.25 3.57
CA GLY A 9 8.89 -1.17 3.70
C GLY A 9 7.38 -1.26 3.52
N THR A 10 6.93 -2.28 2.83
CA THR A 10 5.48 -2.46 2.63
C THR A 10 4.82 -2.58 4.00
N SER A 11 5.40 -3.37 4.84
CA SER A 11 4.82 -3.58 6.19
C SER A 11 4.79 -2.26 6.98
N ASP A 12 4.60 -1.14 6.33
CA ASP A 12 4.56 0.13 7.09
C ASP A 12 3.76 1.10 6.26
N CYS A 13 4.02 1.12 5.00
CA CYS A 13 3.27 2.01 4.12
C CYS A 13 2.04 1.31 3.59
N TYR A 14 1.83 0.08 3.94
CA TYR A 14 0.63 -0.60 3.44
C TYR A 14 -0.55 -0.22 4.34
N GLU A 15 -0.29 0.60 5.32
CA GLU A 15 -1.34 1.04 6.23
C GLU A 15 -2.21 2.06 5.50
N PRO A 16 -1.61 2.96 4.78
CA PRO A 16 -2.36 3.95 3.97
C PRO A 16 -3.22 3.23 2.94
N CYS A 17 -2.83 2.06 2.50
CA CYS A 17 -3.69 1.30 1.54
C CYS A 17 -4.88 0.78 2.33
N GLU A 18 -4.65 0.45 3.59
CA GLU A 18 -5.77 -0.06 4.46
C GLU A 18 -6.73 1.06 4.78
N LYS A 19 -6.22 2.04 5.43
CA LYS A 19 -7.06 3.19 5.82
C LYS A 19 -7.52 3.94 4.57
N LYS A 20 -6.76 3.89 3.50
CA LYS A 20 -7.22 4.63 2.28
C LYS A 20 -8.09 3.71 1.41
N TYR A 21 -7.50 2.75 0.75
CA TYR A 21 -8.29 1.85 -0.11
C TYR A 21 -8.96 0.77 0.73
N ASN A 22 -8.78 0.80 2.03
CA ASN A 22 -9.41 -0.26 2.86
C ASN A 22 -9.09 -1.62 2.26
N CYS A 23 -7.84 -1.90 1.98
CA CYS A 23 -7.53 -3.23 1.39
C CYS A 23 -6.20 -3.81 1.87
N ALA A 24 -5.33 -2.99 2.36
CA ALA A 24 -4.06 -3.55 2.87
C ALA A 24 -3.29 -4.31 1.78
N ARG A 25 -2.55 -5.28 2.20
CA ARG A 25 -1.73 -6.10 1.26
C ARG A 25 -1.07 -5.17 0.24
N ALA A 26 -0.37 -4.16 0.69
CA ALA A 26 0.27 -3.22 -0.28
C ALA A 26 1.72 -3.60 -0.54
N LYS A 27 2.42 -2.79 -1.30
CA LYS A 27 3.85 -3.08 -1.61
C LYS A 27 4.64 -1.76 -1.58
N CYS A 28 5.67 -1.65 -0.78
CA CYS A 28 6.45 -0.37 -0.78
C CYS A 28 7.50 -0.43 -1.90
N MET A 29 7.10 -0.10 -3.11
CA MET A 29 8.04 -0.15 -4.26
C MET A 29 8.33 1.25 -4.79
N ASN A 30 9.45 1.41 -5.45
CA ASN A 30 9.80 2.73 -6.03
C ASN A 30 9.63 3.80 -4.95
N ARG A 31 10.37 3.68 -3.86
CA ARG A 31 10.30 4.65 -2.73
C ARG A 31 8.88 5.14 -2.58
N HIS A 32 7.95 4.31 -2.92
CA HIS A 32 6.52 4.70 -2.81
C HIS A 32 5.65 3.47 -2.49
N CYS A 33 4.40 3.68 -2.17
CA CYS A 33 3.49 2.52 -1.86
C CYS A 33 2.96 1.91 -3.14
N ASN A 34 2.71 0.65 -3.11
CA ASN A 34 2.18 -0.03 -4.31
C ASN A 34 1.25 -1.17 -3.90
N CYS A 35 -0.03 -0.92 -3.71
CA CYS A 35 -0.94 -2.03 -3.31
C CYS A 35 -1.66 -2.56 -4.55
N TYR A 36 -2.60 -3.44 -4.36
CA TYR A 36 -3.38 -4.00 -5.50
C TYR A 36 -4.80 -4.17 -5.02
N ASN A 37 -5.16 -3.48 -3.97
CA ASN A 37 -6.51 -3.66 -3.42
C ASN A 37 -6.64 -5.15 -3.10
N ASN A 38 -7.16 -5.92 -4.02
CA ASN A 38 -7.29 -7.40 -3.81
C ASN A 38 -7.43 -7.67 -2.32
N CYS A 39 -8.18 -6.85 -1.66
CA CYS A 39 -8.31 -7.02 -0.21
C CYS A 39 -9.05 -8.31 0.13
N PRO A 40 -8.42 -9.20 0.86
CA PRO A 40 -9.04 -10.49 1.28
C PRO A 40 -10.46 -10.32 1.83
N TRP A 41 -11.16 -9.30 1.44
CA TRP A 41 -12.55 -9.09 1.95
C TRP A 41 -13.24 -8.01 1.11
CA VAL A 1 -3.53 0.02 -7.08
C VAL A 1 -2.14 0.59 -6.77
N HIS A 2 -1.47 1.11 -7.75
CA HIS A 2 -0.14 1.69 -7.50
C HIS A 2 -0.32 3.05 -6.82
N THR A 3 0.42 3.32 -5.77
CA THR A 3 0.29 4.64 -5.07
C THR A 3 1.63 5.33 -5.03
N ASN A 4 1.64 6.60 -4.78
CA ASN A 4 2.92 7.36 -4.73
C ASN A 4 3.20 7.78 -3.30
N ILE A 5 2.70 7.02 -2.38
CA ILE A 5 2.92 7.33 -0.95
C ILE A 5 4.40 7.08 -0.64
N PRO A 6 5.05 8.04 -0.05
CA PRO A 6 6.50 7.93 0.26
C PRO A 6 6.82 7.03 1.46
N CYS A 7 7.38 5.86 1.20
CA CYS A 7 7.72 4.92 2.30
C CYS A 7 9.07 4.30 2.05
N ARG A 8 9.38 3.33 2.86
CA ARG A 8 10.69 2.67 2.74
C ARG A 8 10.50 1.15 2.69
N GLY A 9 9.35 0.66 3.08
CA GLY A 9 9.12 -0.80 3.06
C GLY A 9 7.62 -1.09 3.12
N THR A 10 7.23 -2.21 2.58
CA THR A 10 5.80 -2.59 2.58
C THR A 10 5.25 -2.62 4.00
N SER A 11 5.93 -3.28 4.88
CA SER A 11 5.45 -3.36 6.28
C SER A 11 5.47 -1.99 6.93
N ASP A 12 5.05 -0.96 6.23
CA ASP A 12 5.07 0.39 6.85
C ASP A 12 4.17 1.27 6.01
N CYS A 13 4.33 1.14 4.74
CA CYS A 13 3.53 1.92 3.78
C CYS A 13 2.23 1.21 3.49
N TYR A 14 2.07 0.00 3.90
CA TYR A 14 0.83 -0.71 3.51
C TYR A 14 -0.36 -0.38 4.44
N GLU A 15 -0.13 0.36 5.46
CA GLU A 15 -1.26 0.71 6.33
C GLU A 15 -2.06 1.81 5.64
N PRO A 16 -1.41 2.75 5.02
CA PRO A 16 -2.12 3.82 4.25
C PRO A 16 -2.94 3.21 3.11
N CYS A 17 -2.55 2.05 2.65
CA CYS A 17 -3.31 1.41 1.55
C CYS A 17 -4.61 0.88 2.16
N GLU A 18 -4.55 0.40 3.37
CA GLU A 18 -5.80 -0.11 4.02
C GLU A 18 -6.68 1.08 4.37
N LYS A 19 -6.07 2.01 5.01
CA LYS A 19 -6.79 3.23 5.43
C LYS A 19 -7.20 4.01 4.18
N LYS A 20 -6.45 3.90 3.12
CA LYS A 20 -6.83 4.65 1.89
C LYS A 20 -7.71 3.78 0.98
N TYR A 21 -7.12 2.86 0.29
CA TYR A 21 -7.89 2.00 -0.63
C TYR A 21 -8.64 0.90 0.14
N ASN A 22 -8.60 0.95 1.45
CA ASN A 22 -9.30 -0.09 2.24
C ASN A 22 -8.78 -1.49 1.87
N CYS A 23 -7.52 -1.58 1.54
CA CYS A 23 -6.92 -2.92 1.19
C CYS A 23 -5.46 -2.98 1.63
N ALA A 24 -5.16 -3.83 2.58
CA ALA A 24 -3.76 -3.98 3.04
C ALA A 24 -2.98 -4.78 2.02
N ARG A 25 -2.07 -5.58 2.48
CA ARG A 25 -1.24 -6.37 1.56
C ARG A 25 -0.66 -5.46 0.49
N ALA A 26 -0.28 -4.27 0.85
CA ALA A 26 0.26 -3.32 -0.15
C ALA A 26 1.75 -3.57 -0.35
N LYS A 27 2.39 -2.76 -1.16
CA LYS A 27 3.85 -2.96 -1.40
C LYS A 27 4.55 -1.60 -1.45
N CYS A 28 5.62 -1.43 -0.71
CA CYS A 28 6.35 -0.13 -0.73
C CYS A 28 7.37 -0.16 -1.85
N MET A 29 6.92 -0.09 -3.07
CA MET A 29 7.85 -0.14 -4.22
C MET A 29 8.39 1.26 -4.50
N ASN A 30 9.62 1.36 -4.91
CA ASN A 30 10.20 2.69 -5.20
C ASN A 30 9.87 3.65 -4.06
N ARG A 31 10.25 3.30 -2.85
CA ARG A 31 9.95 4.18 -1.67
C ARG A 31 8.54 4.73 -1.81
N HIS A 32 7.66 3.94 -2.32
CA HIS A 32 6.25 4.37 -2.49
C HIS A 32 5.30 3.20 -2.23
N CYS A 33 4.05 3.48 -1.92
CA CYS A 33 3.07 2.39 -1.64
C CYS A 33 2.57 1.79 -2.95
N ASN A 34 2.28 0.51 -2.94
CA ASN A 34 1.77 -0.15 -4.16
C ASN A 34 0.77 -1.26 -3.76
N CYS A 35 -0.50 -0.97 -3.64
CA CYS A 35 -1.45 -2.06 -3.26
C CYS A 35 -2.16 -2.57 -4.53
N TYR A 36 -3.11 -3.46 -4.37
CA TYR A 36 -3.84 -4.01 -5.55
C TYR A 36 -5.34 -3.79 -5.38
N ASN A 37 -5.72 -3.22 -4.27
CA ASN A 37 -7.16 -2.99 -4.02
C ASN A 37 -7.91 -4.30 -4.25
N ASN A 38 -7.45 -5.37 -3.66
CA ASN A 38 -8.12 -6.69 -3.86
C ASN A 38 -8.02 -7.50 -2.56
N CYS A 39 -7.99 -6.83 -1.44
CA CYS A 39 -7.90 -7.54 -0.16
C CYS A 39 -9.15 -8.42 0.01
N PRO A 40 -9.07 -9.46 0.80
CA PRO A 40 -10.19 -10.40 1.04
C PRO A 40 -11.54 -9.71 1.28
N TRP A 41 -11.58 -8.40 1.23
CA TRP A 41 -12.86 -7.67 1.46
C TRP A 41 -14.00 -8.39 0.73
CA VAL A 1 -2.07 0.45 -7.05
C VAL A 1 -0.71 1.09 -6.84
N HIS A 2 -0.01 1.39 -7.89
CA HIS A 2 1.30 2.05 -7.73
C HIS A 2 1.02 3.47 -7.25
N THR A 3 0.87 3.64 -5.96
CA THR A 3 0.57 5.00 -5.43
C THR A 3 1.88 5.76 -5.25
N ASN A 4 1.81 7.04 -5.02
CA ASN A 4 3.06 7.84 -4.87
C ASN A 4 3.28 8.16 -3.41
N ILE A 5 2.82 7.29 -2.58
CA ILE A 5 2.99 7.47 -1.12
C ILE A 5 4.44 7.15 -0.79
N PRO A 6 5.10 8.03 -0.11
CA PRO A 6 6.53 7.87 0.25
C PRO A 6 6.77 6.89 1.42
N CYS A 7 7.36 5.76 1.12
CA CYS A 7 7.66 4.74 2.19
C CYS A 7 9.03 4.12 1.96
N ARG A 8 9.27 3.02 2.62
CA ARG A 8 10.56 2.30 2.45
C ARG A 8 10.26 0.81 2.35
N GLY A 9 9.39 0.33 3.20
CA GLY A 9 9.01 -1.12 3.20
C GLY A 9 7.49 -1.28 3.18
N THR A 10 7.03 -2.39 2.68
CA THR A 10 5.56 -2.64 2.63
C THR A 10 4.97 -2.57 4.03
N SER A 11 5.59 -3.23 4.96
CA SER A 11 5.06 -3.21 6.36
C SER A 11 5.13 -1.80 6.92
N ASP A 12 4.80 -0.83 6.11
CA ASP A 12 4.84 0.58 6.59
C ASP A 12 4.09 1.42 5.57
N CYS A 13 4.24 1.08 4.33
CA CYS A 13 3.51 1.80 3.26
C CYS A 13 2.12 1.19 3.13
N TYR A 14 1.90 0.07 3.75
CA TYR A 14 0.59 -0.59 3.61
C TYR A 14 -0.42 -0.12 4.66
N GLU A 15 -0.01 0.73 5.56
CA GLU A 15 -0.97 1.23 6.56
C GLU A 15 -1.89 2.23 5.85
N PRO A 16 -1.34 3.07 5.01
CA PRO A 16 -2.14 4.03 4.22
C PRO A 16 -3.07 3.26 3.27
N CYS A 17 -2.73 2.04 2.95
CA CYS A 17 -3.60 1.26 2.03
C CYS A 17 -4.84 0.80 2.80
N GLU A 18 -4.68 0.50 4.05
CA GLU A 18 -5.87 0.05 4.83
C GLU A 18 -6.75 1.25 5.10
N LYS A 19 -6.14 2.30 5.54
CA LYS A 19 -6.90 3.53 5.83
C LYS A 19 -7.44 4.08 4.52
N LYS A 20 -6.72 3.87 3.44
CA LYS A 20 -7.22 4.40 2.13
C LYS A 20 -8.08 3.33 1.46
N TYR A 21 -7.45 2.36 0.86
CA TYR A 21 -8.20 1.30 0.17
C TYR A 21 -8.80 0.32 1.19
N ASN A 22 -8.71 0.61 2.47
CA ASN A 22 -9.29 -0.35 3.48
C ASN A 22 -9.09 -1.78 2.97
N CYS A 23 -7.96 -2.00 2.35
CA CYS A 23 -7.66 -3.34 1.76
C CYS A 23 -6.31 -3.81 2.24
N ALA A 24 -5.43 -2.91 2.46
CA ALA A 24 -4.11 -3.30 2.98
C ALA A 24 -3.32 -4.14 1.96
N ARG A 25 -2.55 -5.05 2.48
CA ARG A 25 -1.69 -5.92 1.62
C ARG A 25 -1.07 -5.05 0.53
N ALA A 26 -0.33 -4.06 0.91
CA ALA A 26 0.30 -3.14 -0.10
C ALA A 26 1.76 -3.54 -0.34
N LYS A 27 2.44 -2.81 -1.19
CA LYS A 27 3.86 -3.12 -1.45
C LYS A 27 4.64 -1.80 -1.52
N CYS A 28 5.70 -1.66 -0.78
CA CYS A 28 6.45 -0.38 -0.82
C CYS A 28 7.50 -0.44 -1.93
N MET A 29 7.13 -0.12 -3.15
CA MET A 29 8.09 -0.16 -4.27
C MET A 29 8.58 1.25 -4.61
N ASN A 30 9.82 1.38 -4.99
CA ASN A 30 10.35 2.73 -5.33
C ASN A 30 9.97 3.73 -4.26
N ARG A 31 10.37 3.50 -3.04
CA ARG A 31 10.05 4.41 -1.91
C ARG A 31 8.62 4.91 -2.06
N HIS A 32 7.76 4.07 -2.54
CA HIS A 32 6.33 4.48 -2.70
C HIS A 32 5.40 3.29 -2.42
N CYS A 33 4.15 3.58 -2.14
CA CYS A 33 3.17 2.49 -1.84
C CYS A 33 2.69 1.82 -3.12
N ASN A 34 2.49 0.53 -3.09
CA ASN A 34 1.99 -0.20 -4.28
C ASN A 34 1.00 -1.28 -3.83
N CYS A 35 -0.28 -1.01 -3.87
CA CYS A 35 -1.27 -2.04 -3.43
C CYS A 35 -1.85 -2.74 -4.67
N TYR A 36 -2.78 -3.65 -4.49
CA TYR A 36 -3.35 -4.40 -5.65
C TYR A 36 -4.87 -4.32 -5.59
N ASN A 37 -5.41 -3.77 -4.53
CA ASN A 37 -6.90 -3.65 -4.41
C ASN A 37 -7.52 -5.04 -4.52
N ASN A 38 -6.74 -6.07 -4.30
CA ASN A 38 -7.28 -7.45 -4.40
C ASN A 38 -7.85 -7.90 -3.04
N CYS A 39 -8.27 -6.98 -2.21
CA CYS A 39 -8.86 -7.37 -0.88
C CYS A 39 -10.39 -7.48 -0.90
N PRO A 40 -11.06 -7.83 -1.99
CA PRO A 40 -12.54 -7.92 -1.98
C PRO A 40 -13.09 -8.48 -0.66
N TRP A 41 -13.13 -7.65 0.35
CA TRP A 41 -13.64 -8.06 1.69
C TRP A 41 -14.70 -9.16 1.54
CA VAL A 1 -2.51 -0.27 -7.56
C VAL A 1 -1.22 0.43 -7.12
N HIS A 2 -0.45 0.91 -8.06
CA HIS A 2 0.80 1.60 -7.71
C HIS A 2 0.47 2.99 -7.17
N THR A 3 0.94 3.32 -6.00
CA THR A 3 0.66 4.66 -5.41
C THR A 3 1.96 5.44 -5.26
N ASN A 4 1.87 6.70 -4.98
CA ASN A 4 3.10 7.54 -4.83
C ASN A 4 3.25 7.96 -3.38
N ILE A 5 2.77 7.13 -2.51
CA ILE A 5 2.89 7.40 -1.06
C ILE A 5 4.35 7.15 -0.70
N PRO A 6 4.99 8.09 -0.09
CA PRO A 6 6.43 7.96 0.28
C PRO A 6 6.66 7.03 1.47
N CYS A 7 7.31 5.93 1.22
CA CYS A 7 7.59 4.94 2.31
C CYS A 7 8.98 4.34 2.17
N ARG A 8 9.29 3.40 3.00
CA ARG A 8 10.61 2.72 2.94
C ARG A 8 10.36 1.23 2.73
N GLY A 9 9.49 0.67 3.52
CA GLY A 9 9.20 -0.79 3.40
C GLY A 9 7.69 -1.01 3.27
N THR A 10 7.32 -2.07 2.61
CA THR A 10 5.88 -2.39 2.43
C THR A 10 5.23 -2.57 3.78
N SER A 11 5.85 -3.33 4.62
CA SER A 11 5.30 -3.59 5.97
C SER A 11 5.24 -2.31 6.78
N ASP A 12 4.92 -1.20 6.18
CA ASP A 12 4.86 0.05 6.96
C ASP A 12 3.96 1.00 6.20
N CYS A 13 4.19 1.13 4.94
CA CYS A 13 3.33 2.02 4.15
C CYS A 13 2.15 1.24 3.61
N TYR A 14 2.02 -0.02 3.91
CA TYR A 14 0.86 -0.73 3.39
C TYR A 14 -0.35 -0.44 4.31
N GLU A 15 -0.13 0.37 5.30
CA GLU A 15 -1.22 0.74 6.22
C GLU A 15 -2.09 1.78 5.52
N PRO A 16 -1.48 2.74 4.88
CA PRO A 16 -2.20 3.78 4.10
C PRO A 16 -3.02 3.12 2.99
N CYS A 17 -2.58 1.98 2.51
CA CYS A 17 -3.33 1.28 1.42
C CYS A 17 -4.57 0.61 2.05
N GLU A 18 -4.46 0.15 3.27
CA GLU A 18 -5.64 -0.48 3.91
C GLU A 18 -6.63 0.59 4.31
N LYS A 19 -6.15 1.57 4.99
CA LYS A 19 -7.01 2.68 5.46
C LYS A 19 -7.42 3.53 4.26
N LYS A 20 -6.61 3.55 3.24
CA LYS A 20 -6.97 4.37 2.05
C LYS A 20 -7.89 3.55 1.13
N TYR A 21 -7.35 2.58 0.45
CA TYR A 21 -8.15 1.76 -0.47
C TYR A 21 -9.02 0.77 0.34
N ASN A 22 -8.92 0.81 1.64
CA ASN A 22 -9.72 -0.15 2.47
C ASN A 22 -9.20 -1.57 2.25
N CYS A 23 -8.02 -1.70 1.70
CA CYS A 23 -7.44 -3.05 1.49
C CYS A 23 -5.95 -3.01 1.76
N ALA A 24 -5.47 -3.96 2.50
CA ALA A 24 -4.04 -4.00 2.83
C ALA A 24 -3.27 -4.78 1.78
N ARG A 25 -2.29 -5.50 2.21
CA ARG A 25 -1.46 -6.29 1.26
C ARG A 25 -0.84 -5.36 0.23
N ALA A 26 -0.26 -4.27 0.66
CA ALA A 26 0.35 -3.34 -0.33
C ALA A 26 1.84 -3.62 -0.47
N LYS A 27 2.55 -2.75 -1.16
CA LYS A 27 4.01 -2.97 -1.33
C LYS A 27 4.72 -1.61 -1.43
N CYS A 28 5.80 -1.44 -0.69
CA CYS A 28 6.54 -0.14 -0.76
C CYS A 28 7.56 -0.21 -1.90
N MET A 29 7.13 0.05 -3.11
CA MET A 29 8.05 -0.01 -4.27
C MET A 29 8.52 1.40 -4.64
N ASN A 30 9.74 1.51 -5.09
CA ASN A 30 10.26 2.85 -5.47
C ASN A 30 9.96 3.85 -4.38
N ARG A 31 10.38 3.56 -3.16
CA ARG A 31 10.12 4.49 -2.03
C ARG A 31 8.69 4.98 -2.10
N HIS A 32 7.81 4.14 -2.55
CA HIS A 32 6.38 4.52 -2.65
C HIS A 32 5.49 3.31 -2.38
N CYS A 33 4.23 3.53 -2.07
CA CYS A 33 3.32 2.37 -1.76
C CYS A 33 2.76 1.74 -3.04
N ASN A 34 2.48 0.47 -2.97
CA ASN A 34 1.93 -0.27 -4.15
C ASN A 34 0.95 -1.34 -3.68
N CYS A 35 -0.34 -1.07 -3.64
CA CYS A 35 -1.29 -2.14 -3.21
C CYS A 35 -2.00 -2.70 -4.45
N TYR A 36 -2.99 -3.52 -4.25
CA TYR A 36 -3.74 -4.10 -5.41
C TYR A 36 -5.22 -3.77 -5.24
N ASN A 37 -5.55 -3.05 -4.21
CA ASN A 37 -6.98 -2.69 -3.97
C ASN A 37 -7.85 -3.94 -3.95
N ASN A 38 -7.46 -4.94 -3.21
CA ASN A 38 -8.28 -6.20 -3.17
C ASN A 38 -8.14 -6.87 -1.80
N CYS A 39 -8.69 -6.29 -0.77
CA CYS A 39 -8.57 -6.91 0.57
C CYS A 39 -9.42 -8.18 0.63
N PRO A 40 -9.18 -9.02 1.61
CA PRO A 40 -9.95 -10.27 1.80
C PRO A 40 -11.46 -10.01 1.82
N TRP A 41 -11.87 -8.80 2.14
CA TRP A 41 -13.33 -8.46 2.22
C TRP A 41 -14.15 -9.42 1.36
CA VAL A 1 -2.70 0.05 -7.17
C VAL A 1 -1.35 0.73 -6.91
N HIS A 2 -0.70 1.16 -7.95
CA HIS A 2 0.60 1.82 -7.79
C HIS A 2 0.39 3.22 -7.22
N THR A 3 1.00 3.52 -6.11
CA THR A 3 0.83 4.86 -5.49
C THR A 3 2.20 5.49 -5.28
N ASN A 4 2.24 6.78 -5.09
CA ASN A 4 3.55 7.48 -4.91
C ASN A 4 3.73 7.86 -3.44
N ILE A 5 3.15 7.08 -2.60
CA ILE A 5 3.27 7.30 -1.14
C ILE A 5 4.67 6.88 -0.71
N PRO A 6 5.44 7.80 -0.19
CA PRO A 6 6.84 7.53 0.25
C PRO A 6 6.98 6.78 1.58
N CYS A 7 7.45 5.55 1.53
CA CYS A 7 7.67 4.75 2.78
C CYS A 7 9.10 4.22 2.82
N ARG A 8 9.31 3.26 3.67
CA ARG A 8 10.64 2.62 3.82
C ARG A 8 10.50 1.13 3.52
N GLY A 9 9.34 0.60 3.82
CA GLY A 9 9.09 -0.85 3.57
C GLY A 9 7.58 -1.10 3.40
N THR A 10 7.22 -2.23 2.85
CA THR A 10 5.78 -2.55 2.64
C THR A 10 5.06 -2.45 3.98
N SER A 11 5.59 -3.02 5.02
CA SER A 11 4.93 -2.93 6.35
C SER A 11 5.00 -1.48 6.81
N ASP A 12 4.67 -0.57 5.93
CA ASP A 12 4.73 0.88 6.28
C ASP A 12 4.06 1.64 5.16
N CYS A 13 4.32 1.21 3.96
CA CYS A 13 3.70 1.85 2.78
C CYS A 13 2.31 1.28 2.60
N TYR A 14 2.04 0.17 3.22
CA TYR A 14 0.72 -0.47 3.04
C TYR A 14 -0.30 0.02 4.07
N GLU A 15 0.06 0.90 4.94
CA GLU A 15 -0.93 1.40 5.92
C GLU A 15 -1.87 2.36 5.20
N PRO A 16 -1.36 3.20 4.33
CA PRO A 16 -2.21 4.12 3.54
C PRO A 16 -3.19 3.33 2.68
N CYS A 17 -2.83 2.12 2.31
CA CYS A 17 -3.75 1.28 1.49
C CYS A 17 -4.87 0.75 2.38
N GLU A 18 -4.53 0.48 3.62
CA GLU A 18 -5.53 -0.06 4.59
C GLU A 18 -6.52 1.01 4.98
N LYS A 19 -6.01 2.06 5.49
CA LYS A 19 -6.86 3.18 5.94
C LYS A 19 -7.56 3.77 4.72
N LYS A 20 -6.95 3.69 3.57
CA LYS A 20 -7.62 4.25 2.36
C LYS A 20 -8.46 3.18 1.66
N TYR A 21 -7.81 2.31 0.95
CA TYR A 21 -8.54 1.27 0.19
C TYR A 21 -9.04 0.17 1.13
N ASN A 22 -8.76 0.27 2.40
CA ASN A 22 -9.24 -0.79 3.34
C ASN A 22 -8.90 -2.15 2.73
N CYS A 23 -7.67 -2.33 2.33
CA CYS A 23 -7.26 -3.62 1.70
C CYS A 23 -5.96 -4.10 2.30
N ALA A 24 -5.00 -3.26 2.38
CA ALA A 24 -3.70 -3.66 2.95
C ALA A 24 -2.94 -4.49 1.94
N ARG A 25 -2.18 -5.42 2.44
CA ARG A 25 -1.37 -6.30 1.55
C ARG A 25 -0.71 -5.46 0.45
N ALA A 26 -0.32 -4.27 0.78
CA ALA A 26 0.29 -3.40 -0.26
C ALA A 26 1.78 -3.70 -0.41
N LYS A 27 2.45 -2.93 -1.24
CA LYS A 27 3.90 -3.15 -1.49
C LYS A 27 4.63 -1.81 -1.48
N CYS A 28 5.74 -1.69 -0.80
CA CYS A 28 6.46 -0.39 -0.81
C CYS A 28 7.39 -0.37 -2.03
N MET A 29 6.85 -0.03 -3.17
CA MET A 29 7.67 0.01 -4.39
C MET A 29 8.85 0.96 -4.17
N ASN A 30 9.40 1.52 -5.21
CA ASN A 30 10.55 2.44 -5.02
C ASN A 30 10.08 3.62 -4.18
N ARG A 31 10.43 3.62 -2.92
CA ARG A 31 10.02 4.71 -2.01
C ARG A 31 8.58 5.08 -2.30
N HIS A 32 7.79 4.11 -2.64
CA HIS A 32 6.35 4.40 -2.95
C HIS A 32 5.45 3.22 -2.58
N CYS A 33 4.22 3.49 -2.21
CA CYS A 33 3.29 2.39 -1.83
C CYS A 33 2.65 1.78 -3.09
N ASN A 34 2.42 0.50 -3.06
CA ASN A 34 1.83 -0.19 -4.24
C ASN A 34 0.88 -1.32 -3.77
N CYS A 35 -0.40 -1.05 -3.65
CA CYS A 35 -1.35 -2.11 -3.20
C CYS A 35 -2.15 -2.62 -4.40
N TYR A 36 -3.27 -3.26 -4.17
CA TYR A 36 -4.10 -3.79 -5.30
C TYR A 36 -5.59 -3.54 -5.01
N ASN A 37 -5.91 -3.04 -3.83
CA ASN A 37 -7.34 -2.81 -3.46
C ASN A 37 -8.15 -4.10 -3.64
N ASN A 38 -7.57 -5.12 -4.23
CA ASN A 38 -8.32 -6.38 -4.46
C ASN A 38 -8.22 -7.31 -3.25
N CYS A 39 -8.24 -6.77 -2.06
CA CYS A 39 -8.15 -7.66 -0.86
C CYS A 39 -9.36 -8.59 -0.85
N PRO A 40 -9.31 -9.66 -0.09
CA PRO A 40 -10.43 -10.62 -0.04
C PRO A 40 -11.78 -9.92 0.12
N TRP A 41 -11.82 -8.79 0.78
CA TRP A 41 -13.10 -8.04 0.94
C TRP A 41 -12.95 -6.63 0.36
CA VAL A 1 -3.12 0.13 -7.46
C VAL A 1 -1.74 0.69 -7.07
N HIS A 2 -0.99 1.13 -8.05
CA HIS A 2 0.34 1.68 -7.74
C HIS A 2 0.20 3.10 -7.19
N THR A 3 0.68 3.32 -6.00
CA THR A 3 0.56 4.69 -5.38
C THR A 3 1.94 5.33 -5.31
N ASN A 4 1.99 6.61 -5.03
CA ASN A 4 3.28 7.32 -4.95
C ASN A 4 3.51 7.77 -3.51
N ILE A 5 3.07 6.97 -2.61
CA ILE A 5 3.23 7.28 -1.17
C ILE A 5 4.69 7.00 -0.80
N PRO A 6 5.36 7.97 -0.25
CA PRO A 6 6.79 7.84 0.12
C PRO A 6 7.03 6.97 1.37
N CYS A 7 7.62 5.82 1.17
CA CYS A 7 7.90 4.90 2.31
C CYS A 7 9.29 4.28 2.19
N ARG A 8 9.51 3.27 2.98
CA ARG A 8 10.81 2.55 2.94
C ARG A 8 10.49 1.07 2.73
N GLY A 9 9.58 0.54 3.51
CA GLY A 9 9.20 -0.89 3.39
C GLY A 9 7.68 -1.00 3.26
N THR A 10 7.22 -2.04 2.64
CA THR A 10 5.76 -2.22 2.47
C THR A 10 5.12 -2.30 3.86
N SER A 11 5.72 -3.07 4.72
CA SER A 11 5.20 -3.24 6.10
C SER A 11 5.26 -1.90 6.84
N ASP A 12 4.92 -0.84 6.18
CA ASP A 12 4.96 0.49 6.82
C ASP A 12 4.03 1.39 6.06
N CYS A 13 4.23 1.48 4.78
CA CYS A 13 3.31 2.33 3.99
C CYS A 13 2.10 1.52 3.54
N TYR A 14 1.97 0.30 3.95
CA TYR A 14 0.76 -0.44 3.52
C TYR A 14 -0.39 -0.07 4.48
N GLU A 15 -0.10 0.75 5.45
CA GLU A 15 -1.14 1.19 6.39
C GLU A 15 -2.04 2.21 5.68
N PRO A 16 -1.46 3.13 4.94
CA PRO A 16 -2.23 4.13 4.15
C PRO A 16 -3.18 3.44 3.17
N CYS A 17 -2.85 2.26 2.72
CA CYS A 17 -3.75 1.54 1.77
C CYS A 17 -4.89 0.91 2.57
N GLU A 18 -4.64 0.55 3.80
CA GLU A 18 -5.71 -0.08 4.63
C GLU A 18 -6.74 0.96 5.03
N LYS A 19 -6.29 1.94 5.72
CA LYS A 19 -7.22 3.01 6.17
C LYS A 19 -7.78 3.72 4.97
N LYS A 20 -7.07 3.78 3.89
CA LYS A 20 -7.63 4.49 2.71
C LYS A 20 -8.45 3.53 1.83
N TYR A 21 -7.81 2.66 1.12
CA TYR A 21 -8.55 1.76 0.22
C TYR A 21 -9.16 0.57 0.98
N ASN A 22 -8.94 0.47 2.26
CA ASN A 22 -9.53 -0.68 3.01
C ASN A 22 -9.14 -2.01 2.35
N CYS A 23 -7.88 -2.19 2.06
CA CYS A 23 -7.44 -3.49 1.43
C CYS A 23 -6.09 -3.88 1.97
N ALA A 24 -5.26 -2.93 2.22
CA ALA A 24 -3.94 -3.28 2.77
C ALA A 24 -3.16 -4.17 1.83
N ARG A 25 -2.35 -5.04 2.38
CA ARG A 25 -1.52 -5.95 1.55
C ARG A 25 -0.90 -5.11 0.43
N ALA A 26 -0.16 -4.09 0.78
CA ALA A 26 0.42 -3.21 -0.28
C ALA A 26 1.86 -3.59 -0.62
N LYS A 27 2.48 -2.80 -1.45
CA LYS A 27 3.89 -3.06 -1.87
C LYS A 27 4.65 -1.73 -1.84
N CYS A 28 5.73 -1.66 -1.11
CA CYS A 28 6.50 -0.38 -1.04
C CYS A 28 7.55 -0.38 -2.17
N MET A 29 7.15 -0.05 -3.36
CA MET A 29 8.10 -0.06 -4.51
C MET A 29 8.82 1.30 -4.60
N ASN A 30 10.12 1.27 -4.73
CA ASN A 30 10.92 2.52 -4.80
C ASN A 30 10.34 3.58 -3.85
N ARG A 31 10.51 3.38 -2.57
CA ARG A 31 9.98 4.34 -1.55
C ARG A 31 8.59 4.79 -1.95
N HIS A 32 7.84 3.93 -2.52
CA HIS A 32 6.44 4.32 -2.89
C HIS A 32 5.49 3.14 -2.66
N CYS A 33 4.28 3.42 -2.26
CA CYS A 33 3.31 2.31 -1.98
C CYS A 33 2.73 1.74 -3.27
N ASN A 34 2.47 0.45 -3.26
CA ASN A 34 1.91 -0.20 -4.46
C ASN A 34 0.97 -1.36 -4.06
N CYS A 35 -0.31 -1.11 -3.91
CA CYS A 35 -1.21 -2.21 -3.52
C CYS A 35 -1.98 -2.67 -4.77
N TYR A 36 -3.00 -3.45 -4.59
CA TYR A 36 -3.79 -3.94 -5.76
C TYR A 36 -5.29 -3.93 -5.42
N ASN A 37 -5.63 -3.44 -4.26
CA ASN A 37 -7.06 -3.41 -3.86
C ASN A 37 -7.69 -4.78 -4.12
N ASN A 38 -6.91 -5.83 -4.07
CA ASN A 38 -7.45 -7.20 -4.30
C ASN A 38 -7.95 -7.80 -2.98
N CYS A 39 -8.36 -6.97 -2.06
CA CYS A 39 -8.84 -7.50 -0.74
C CYS A 39 -10.37 -7.76 -0.73
N PRO A 40 -10.86 -8.82 -1.35
CA PRO A 40 -12.32 -9.16 -1.36
C PRO A 40 -13.03 -8.93 -0.02
N TRP A 41 -12.35 -8.40 0.96
CA TRP A 41 -13.02 -8.15 2.27
C TRP A 41 -13.61 -9.46 2.79
CA VAL A 1 -2.73 -0.06 -8.06
C VAL A 1 -1.46 0.55 -7.47
N HIS A 2 -0.55 0.98 -8.31
CA HIS A 2 0.70 1.56 -7.78
C HIS A 2 0.42 2.96 -7.24
N THR A 3 0.71 3.19 -5.99
CA THR A 3 0.45 4.53 -5.38
C THR A 3 1.77 5.30 -5.29
N ASN A 4 1.70 6.58 -5.01
CA ASN A 4 2.95 7.39 -4.89
C ASN A 4 3.16 7.79 -3.45
N ILE A 5 2.68 7.00 -2.57
CA ILE A 5 2.85 7.28 -1.13
C ILE A 5 4.31 7.03 -0.79
N PRO A 6 4.93 7.92 -0.10
CA PRO A 6 6.36 7.78 0.28
C PRO A 6 6.58 6.84 1.46
N CYS A 7 7.22 5.73 1.21
CA CYS A 7 7.51 4.75 2.29
C CYS A 7 8.89 4.17 2.09
N ARG A 8 9.16 3.08 2.76
CA ARG A 8 10.48 2.41 2.64
C ARG A 8 10.25 0.91 2.61
N GLY A 9 9.33 0.45 3.41
CA GLY A 9 9.03 -1.00 3.47
C GLY A 9 7.53 -1.24 3.31
N THR A 10 7.18 -2.32 2.66
CA THR A 10 5.75 -2.66 2.45
C THR A 10 5.03 -2.76 3.79
N SER A 11 5.63 -3.45 4.73
CA SER A 11 5.02 -3.61 6.07
C SER A 11 5.03 -2.28 6.81
N ASP A 12 4.72 -1.19 6.15
CA ASP A 12 4.71 0.12 6.84
C ASP A 12 4.03 1.09 5.91
N CYS A 13 4.19 0.83 4.65
CA CYS A 13 3.56 1.67 3.63
C CYS A 13 2.14 1.19 3.43
N TYR A 14 1.85 0.00 3.86
CA TYR A 14 0.51 -0.55 3.59
C TYR A 14 -0.56 -0.10 4.60
N GLU A 15 -0.23 0.66 5.59
CA GLU A 15 -1.28 1.11 6.53
C GLU A 15 -2.14 2.15 5.82
N PRO A 16 -1.54 3.05 5.09
CA PRO A 16 -2.30 4.08 4.31
C PRO A 16 -3.21 3.41 3.29
N CYS A 17 -2.88 2.22 2.87
CA CYS A 17 -3.74 1.52 1.88
C CYS A 17 -4.98 1.01 2.62
N GLU A 18 -4.83 0.59 3.84
CA GLU A 18 -6.03 0.13 4.59
C GLU A 18 -6.87 1.33 4.98
N LYS A 19 -6.23 2.28 5.56
CA LYS A 19 -6.94 3.49 5.99
C LYS A 19 -7.40 4.24 4.74
N LYS A 20 -6.70 4.10 3.65
CA LYS A 20 -7.13 4.79 2.40
C LYS A 20 -8.07 3.88 1.60
N TYR A 21 -7.54 2.90 0.92
CA TYR A 21 -8.39 1.98 0.12
C TYR A 21 -9.03 0.92 1.01
N ASN A 22 -8.95 1.04 2.31
CA ASN A 22 -9.55 0.01 3.20
C ASN A 22 -8.87 -1.33 2.93
N CYS A 23 -7.64 -1.30 2.46
CA CYS A 23 -6.94 -2.58 2.15
C CYS A 23 -5.41 -2.46 2.32
N ALA A 24 -4.79 -3.40 3.01
CA ALA A 24 -3.30 -3.38 3.18
C ALA A 24 -2.65 -4.29 2.14
N ARG A 25 -1.83 -5.21 2.61
CA ARG A 25 -1.15 -6.14 1.69
C ARG A 25 -0.61 -5.31 0.55
N ALA A 26 -0.36 -4.08 0.84
CA ALA A 26 0.18 -3.15 -0.18
C ALA A 26 1.68 -3.40 -0.31
N LYS A 27 2.34 -2.74 -1.22
CA LYS A 27 3.81 -2.98 -1.37
C LYS A 27 4.55 -1.64 -1.39
N CYS A 28 5.65 -1.54 -0.70
CA CYS A 28 6.41 -0.25 -0.71
C CYS A 28 7.40 -0.30 -1.88
N MET A 29 6.93 -0.10 -3.08
CA MET A 29 7.83 -0.15 -4.26
C MET A 29 8.31 1.26 -4.61
N ASN A 30 9.53 1.37 -5.07
CA ASN A 30 10.05 2.71 -5.44
C ASN A 30 9.87 3.65 -4.25
N ARG A 31 10.28 3.25 -3.08
CA ARG A 31 10.11 4.12 -1.88
C ARG A 31 8.69 4.69 -1.94
N HIS A 32 7.80 3.90 -2.44
CA HIS A 32 6.38 4.35 -2.55
C HIS A 32 5.43 3.16 -2.32
N CYS A 33 4.16 3.42 -2.09
CA CYS A 33 3.19 2.31 -1.83
C CYS A 33 2.71 1.67 -3.14
N ASN A 34 2.33 0.42 -3.08
CA ASN A 34 1.81 -0.26 -4.29
C ASN A 34 0.76 -1.29 -3.87
N CYS A 35 -0.51 -0.99 -4.06
CA CYS A 35 -1.57 -1.95 -3.69
C CYS A 35 -2.09 -2.62 -4.96
N TYR A 36 -3.15 -3.37 -4.88
CA TYR A 36 -3.68 -4.06 -6.10
C TYR A 36 -5.21 -4.18 -6.00
N ASN A 37 -5.79 -3.51 -5.04
CA ASN A 37 -7.28 -3.56 -4.88
C ASN A 37 -7.74 -5.02 -4.73
N ASN A 38 -6.83 -5.96 -4.79
CA ASN A 38 -7.21 -7.39 -4.64
C ASN A 38 -7.08 -7.81 -3.18
N CYS A 39 -6.83 -6.88 -2.30
CA CYS A 39 -6.69 -7.22 -0.86
C CYS A 39 -8.05 -7.74 -0.33
N PRO A 40 -8.11 -8.98 0.10
CA PRO A 40 -9.35 -9.66 0.59
C PRO A 40 -10.28 -8.80 1.49
N TRP A 41 -10.31 -7.51 1.32
CA TRP A 41 -11.24 -6.66 2.15
C TRP A 41 -11.06 -5.19 1.77
CA VAL A 1 -2.31 -0.37 -7.78
C VAL A 1 -1.04 0.35 -7.33
N HIS A 2 -0.30 0.89 -8.25
CA HIS A 2 0.94 1.59 -7.88
C HIS A 2 0.59 2.94 -7.24
N THR A 3 1.00 3.16 -6.03
CA THR A 3 0.70 4.44 -5.34
C THR A 3 1.98 5.26 -5.19
N ASN A 4 1.86 6.51 -4.87
CA ASN A 4 3.06 7.37 -4.70
C ASN A 4 3.20 7.72 -3.22
N ILE A 5 2.75 6.86 -2.39
CA ILE A 5 2.87 7.09 -0.94
C ILE A 5 4.34 6.90 -0.58
N PRO A 6 4.93 7.87 0.04
CA PRO A 6 6.37 7.83 0.40
C PRO A 6 6.66 6.86 1.55
N CYS A 7 7.33 5.78 1.24
CA CYS A 7 7.65 4.76 2.28
C CYS A 7 8.96 4.09 2.01
N ARG A 8 9.22 3.06 2.75
CA ARG A 8 10.48 2.32 2.59
C ARG A 8 10.21 0.82 2.74
N GLY A 9 9.30 0.48 3.63
CA GLY A 9 8.97 -0.95 3.84
C GLY A 9 7.50 -1.18 3.52
N THR A 10 7.22 -2.21 2.77
CA THR A 10 5.81 -2.51 2.42
C THR A 10 5.02 -2.70 3.71
N SER A 11 5.56 -3.49 4.59
CA SER A 11 4.90 -3.77 5.88
C SER A 11 4.86 -2.50 6.74
N ASP A 12 4.66 -1.35 6.16
CA ASP A 12 4.62 -0.11 6.99
C ASP A 12 3.76 0.90 6.27
N CYS A 13 4.05 1.10 5.03
CA CYS A 13 3.27 2.07 4.26
C CYS A 13 2.07 1.37 3.63
N TYR A 14 1.90 0.10 3.84
CA TYR A 14 0.72 -0.54 3.24
C TYR A 14 -0.49 -0.27 4.14
N GLU A 15 -0.26 0.42 5.22
CA GLU A 15 -1.35 0.75 6.15
C GLU A 15 -2.20 1.86 5.56
N PRO A 16 -1.59 2.85 4.97
CA PRO A 16 -2.32 3.96 4.31
C PRO A 16 -3.24 3.38 3.22
N CYS A 17 -2.89 2.25 2.68
CA CYS A 17 -3.77 1.64 1.63
C CYS A 17 -4.95 0.96 2.33
N GLU A 18 -4.74 0.45 3.52
CA GLU A 18 -5.88 -0.19 4.24
C GLU A 18 -6.84 0.90 4.64
N LYS A 19 -6.32 1.84 5.34
CA LYS A 19 -7.14 2.97 5.82
C LYS A 19 -7.61 3.80 4.63
N LYS A 20 -6.85 3.84 3.56
CA LYS A 20 -7.32 4.65 2.39
C LYS A 20 -8.21 3.80 1.51
N TYR A 21 -7.63 2.90 0.76
CA TYR A 21 -8.42 2.07 -0.15
C TYR A 21 -9.15 0.98 0.63
N ASN A 22 -9.04 0.97 1.93
CA ASN A 22 -9.70 -0.10 2.72
C ASN A 22 -9.11 -1.45 2.31
N CYS A 23 -7.89 -1.45 1.87
CA CYS A 23 -7.27 -2.73 1.44
C CYS A 23 -5.76 -2.72 1.68
N ALA A 24 -5.30 -3.62 2.50
CA ALA A 24 -3.84 -3.71 2.80
C ALA A 24 -3.09 -4.50 1.72
N ARG A 25 -2.13 -5.26 2.17
CA ARG A 25 -1.30 -6.08 1.24
C ARG A 25 -0.63 -5.18 0.20
N ALA A 26 -0.22 -4.03 0.58
CA ALA A 26 0.44 -3.12 -0.41
C ALA A 26 1.92 -3.45 -0.52
N LYS A 27 2.65 -2.73 -1.33
CA LYS A 27 4.12 -2.99 -1.48
C LYS A 27 4.88 -1.66 -1.51
N CYS A 28 5.92 -1.52 -0.73
CA CYS A 28 6.67 -0.24 -0.76
C CYS A 28 7.72 -0.30 -1.88
N MET A 29 7.32 0.01 -3.09
CA MET A 29 8.27 -0.04 -4.24
C MET A 29 8.62 1.38 -4.70
N ASN A 30 9.82 1.55 -5.19
CA ASN A 30 10.29 2.89 -5.65
C ASN A 30 9.83 3.96 -4.66
N ARG A 31 10.44 3.98 -3.50
CA ARG A 31 10.10 4.97 -2.43
C ARG A 31 8.62 5.26 -2.45
N HIS A 32 7.85 4.30 -2.81
CA HIS A 32 6.37 4.51 -2.85
C HIS A 32 5.62 3.21 -2.56
N CYS A 33 4.37 3.33 -2.19
CA CYS A 33 3.55 2.11 -1.89
C CYS A 33 2.95 1.53 -3.17
N ASN A 34 2.67 0.24 -3.17
CA ASN A 34 2.09 -0.41 -4.38
C ASN A 34 1.07 -1.47 -3.94
N CYS A 35 -0.19 -1.11 -3.84
CA CYS A 35 -1.22 -2.10 -3.40
C CYS A 35 -2.05 -2.55 -4.61
N TYR A 36 -3.15 -3.24 -4.39
CA TYR A 36 -3.98 -3.69 -5.55
C TYR A 36 -5.47 -3.64 -5.17
N ASN A 37 -5.78 -3.17 -4.00
CA ASN A 37 -7.20 -3.09 -3.58
C ASN A 37 -7.81 -4.51 -3.63
N ASN A 38 -6.97 -5.51 -3.58
CA ASN A 38 -7.46 -6.92 -3.63
C ASN A 38 -7.49 -7.51 -2.21
N CYS A 39 -7.52 -6.69 -1.21
CA CYS A 39 -7.50 -7.22 0.17
C CYS A 39 -8.71 -8.13 0.42
N PRO A 40 -8.47 -9.33 0.94
CA PRO A 40 -9.54 -10.33 1.21
C PRO A 40 -10.79 -9.70 1.82
N TRP A 41 -10.71 -9.25 3.04
CA TRP A 41 -11.87 -8.61 3.70
C TRP A 41 -13.10 -9.51 3.54
CA VAL A 1 -2.94 0.00 -7.29
C VAL A 1 -1.57 0.61 -6.95
N HIS A 2 -0.84 1.01 -7.95
CA HIS A 2 0.49 1.60 -7.72
C HIS A 2 0.34 3.03 -7.20
N THR A 3 0.57 3.24 -5.94
CA THR A 3 0.43 4.60 -5.36
C THR A 3 1.78 5.30 -5.32
N ASN A 4 1.79 6.57 -5.02
CA ASN A 4 3.06 7.33 -4.97
C ASN A 4 3.30 7.81 -3.54
N ILE A 5 2.90 7.01 -2.61
CA ILE A 5 3.09 7.35 -1.18
C ILE A 5 4.54 7.07 -0.82
N PRO A 6 5.23 8.04 -0.29
CA PRO A 6 6.66 7.88 0.07
C PRO A 6 6.88 7.01 1.33
N CYS A 7 7.48 5.86 1.13
CA CYS A 7 7.75 4.92 2.29
C CYS A 7 9.17 4.40 2.22
N ARG A 8 9.40 3.33 2.93
CA ARG A 8 10.74 2.70 2.96
C ARG A 8 10.55 1.19 2.85
N GLY A 9 9.55 0.68 3.52
CA GLY A 9 9.28 -0.78 3.50
C GLY A 9 7.78 -1.00 3.31
N THR A 10 7.42 -2.07 2.68
CA THR A 10 5.98 -2.35 2.45
C THR A 10 5.26 -2.43 3.79
N SER A 11 5.80 -3.21 4.70
CA SER A 11 5.16 -3.40 6.02
C SER A 11 5.14 -2.10 6.81
N ASP A 12 4.82 -1.01 6.17
CA ASP A 12 4.77 0.27 6.90
C ASP A 12 4.00 1.23 6.01
N CYS A 13 4.21 1.09 4.74
CA CYS A 13 3.50 1.91 3.75
C CYS A 13 2.15 1.27 3.46
N TYR A 14 1.95 0.06 3.88
CA TYR A 14 0.67 -0.58 3.57
C TYR A 14 -0.40 -0.12 4.54
N GLU A 15 -0.05 0.77 5.42
CA GLU A 15 -1.03 1.30 6.39
C GLU A 15 -1.97 2.24 5.63
N PRO A 16 -1.42 3.11 4.83
CA PRO A 16 -2.23 4.05 4.00
C PRO A 16 -3.14 3.28 3.03
N CYS A 17 -2.73 2.12 2.59
CA CYS A 17 -3.59 1.33 1.65
C CYS A 17 -4.75 0.75 2.45
N GLU A 18 -4.53 0.43 3.71
CA GLU A 18 -5.64 -0.13 4.50
C GLU A 18 -6.64 0.98 4.78
N LYS A 19 -6.13 2.03 5.32
CA LYS A 19 -6.99 3.19 5.65
C LYS A 19 -7.45 3.87 4.36
N LYS A 20 -6.77 3.64 3.27
CA LYS A 20 -7.22 4.28 1.99
C LYS A 20 -8.13 3.31 1.24
N TYR A 21 -7.55 2.34 0.60
CA TYR A 21 -8.34 1.38 -0.18
C TYR A 21 -8.98 0.33 0.74
N ASN A 22 -8.70 0.39 2.01
CA ASN A 22 -9.31 -0.61 2.93
C ASN A 22 -8.98 -2.02 2.45
N CYS A 23 -7.74 -2.26 2.08
CA CYS A 23 -7.34 -3.61 1.59
C CYS A 23 -6.02 -4.03 2.19
N ALA A 24 -5.17 -3.09 2.42
CA ALA A 24 -3.86 -3.42 3.04
C ALA A 24 -3.07 -4.39 2.16
N ARG A 25 -2.29 -5.23 2.79
CA ARG A 25 -1.43 -6.20 2.05
C ARG A 25 -0.83 -5.47 0.84
N ALA A 26 -0.28 -4.31 1.06
CA ALA A 26 0.29 -3.51 -0.07
C ALA A 26 1.76 -3.85 -0.31
N LYS A 27 2.41 -3.07 -1.16
CA LYS A 27 3.84 -3.31 -1.48
C LYS A 27 4.58 -1.97 -1.59
N CYS A 28 5.72 -1.85 -0.96
CA CYS A 28 6.47 -0.57 -1.03
C CYS A 28 7.42 -0.59 -2.24
N MET A 29 7.06 0.07 -3.31
CA MET A 29 7.94 0.05 -4.51
C MET A 29 8.68 1.40 -4.63
N ASN A 30 9.96 1.36 -4.83
CA ASN A 30 10.76 2.61 -4.97
C ASN A 30 10.26 3.69 -4.01
N ARG A 31 10.50 3.53 -2.74
CA ARG A 31 10.05 4.54 -1.73
C ARG A 31 8.64 4.99 -2.04
N HIS A 32 7.82 4.09 -2.47
CA HIS A 32 6.40 4.46 -2.77
C HIS A 32 5.48 3.29 -2.44
N CYS A 33 4.23 3.55 -2.18
CA CYS A 33 3.27 2.44 -1.83
C CYS A 33 2.75 1.77 -3.09
N ASN A 34 2.39 0.52 -2.99
CA ASN A 34 1.84 -0.21 -4.16
C ASN A 34 0.79 -1.22 -3.71
N CYS A 35 -0.46 -0.83 -3.58
CA CYS A 35 -1.48 -1.82 -3.16
C CYS A 35 -2.13 -2.39 -4.42
N TYR A 36 -3.17 -3.17 -4.29
CA TYR A 36 -3.82 -3.78 -5.50
C TYR A 36 -5.31 -3.47 -5.48
N ASN A 37 -5.81 -2.93 -4.41
CA ASN A 37 -7.27 -2.63 -4.33
C ASN A 37 -8.08 -3.90 -4.59
N ASN A 38 -7.67 -5.01 -4.02
CA ASN A 38 -8.41 -6.29 -4.21
C ASN A 38 -8.16 -7.20 -2.99
N CYS A 39 -8.32 -6.68 -1.81
CA CYS A 39 -8.08 -7.47 -0.60
C CYS A 39 -9.06 -8.66 -0.53
N PRO A 40 -8.74 -9.66 0.26
CA PRO A 40 -9.60 -10.87 0.41
C PRO A 40 -11.06 -10.51 0.74
N TRP A 41 -11.23 -9.59 1.66
CA TRP A 41 -12.58 -9.15 2.11
C TRP A 41 -13.65 -10.18 1.73
CA VAL A 1 -2.64 -0.48 -7.34
C VAL A 1 -1.28 0.16 -7.01
N HIS A 2 -0.65 0.75 -7.98
CA HIS A 2 0.65 1.39 -7.75
C HIS A 2 0.42 2.77 -7.10
N THR A 3 0.57 2.87 -5.80
CA THR A 3 0.33 4.18 -5.13
C THR A 3 1.63 4.98 -5.08
N ASN A 4 1.53 6.25 -4.79
CA ASN A 4 2.74 7.12 -4.72
C ASN A 4 2.97 7.54 -3.29
N ILE A 5 2.54 6.73 -2.39
CA ILE A 5 2.74 7.03 -0.95
C ILE A 5 4.22 6.87 -0.66
N PRO A 6 4.85 7.86 -0.13
CA PRO A 6 6.31 7.82 0.17
C PRO A 6 6.65 6.96 1.39
N CYS A 7 7.31 5.86 1.16
CA CYS A 7 7.67 4.94 2.28
C CYS A 7 9.06 4.34 2.09
N ARG A 8 9.32 3.33 2.88
CA ARG A 8 10.63 2.63 2.79
C ARG A 8 10.37 1.13 2.78
N GLY A 9 9.50 0.68 3.66
CA GLY A 9 9.20 -0.77 3.74
C GLY A 9 7.71 -1.02 3.49
N THR A 10 7.42 -2.10 2.85
CA THR A 10 6.01 -2.43 2.55
C THR A 10 5.24 -2.49 3.86
N SER A 11 5.76 -3.27 4.77
CA SER A 11 5.13 -3.44 6.08
C SER A 11 5.20 -2.15 6.88
N ASP A 12 4.90 -1.04 6.26
CA ASP A 12 4.97 0.24 7.01
C ASP A 12 4.04 1.22 6.32
N CYS A 13 4.24 1.40 5.05
CA CYS A 13 3.34 2.33 4.33
C CYS A 13 2.14 1.56 3.79
N TYR A 14 2.04 0.27 4.02
CA TYR A 14 0.84 -0.40 3.51
C TYR A 14 -0.30 -0.16 4.52
N GLU A 15 0.00 0.56 5.57
CA GLU A 15 -1.02 0.87 6.58
C GLU A 15 -1.96 1.93 6.01
N PRO A 16 -1.41 2.94 5.37
CA PRO A 16 -2.21 3.98 4.69
C PRO A 16 -3.06 3.35 3.59
N CYS A 17 -2.64 2.21 3.08
CA CYS A 17 -3.44 1.57 2.02
C CYS A 17 -4.63 0.85 2.64
N GLU A 18 -4.50 0.40 3.85
CA GLU A 18 -5.65 -0.27 4.49
C GLU A 18 -6.70 0.78 4.75
N LYS A 19 -6.31 1.78 5.43
CA LYS A 19 -7.21 2.90 5.76
C LYS A 19 -7.52 3.72 4.49
N LYS A 20 -6.64 3.71 3.52
CA LYS A 20 -6.93 4.49 2.27
C LYS A 20 -7.64 3.59 1.26
N TYR A 21 -6.95 2.65 0.67
CA TYR A 21 -7.60 1.76 -0.32
C TYR A 21 -8.50 0.75 0.39
N ASN A 22 -8.47 0.72 1.69
CA ASN A 22 -9.35 -0.24 2.42
C ASN A 22 -9.04 -1.67 1.98
N CYS A 23 -7.79 -1.99 1.78
CA CYS A 23 -7.42 -3.37 1.34
C CYS A 23 -6.04 -3.75 1.87
N ALA A 24 -5.19 -2.80 2.04
CA ALA A 24 -3.85 -3.11 2.55
C ALA A 24 -3.04 -3.92 1.55
N ARG A 25 -2.27 -4.85 2.03
CA ARG A 25 -1.44 -5.69 1.13
C ARG A 25 -0.69 -4.77 0.18
N ALA A 26 -0.21 -3.67 0.68
CA ALA A 26 0.52 -2.72 -0.20
C ALA A 26 2.00 -3.07 -0.24
N LYS A 27 2.61 -2.84 -1.37
CA LYS A 27 4.07 -3.13 -1.52
C LYS A 27 4.83 -1.81 -1.54
N CYS A 28 5.91 -1.72 -0.82
CA CYS A 28 6.68 -0.45 -0.82
C CYS A 28 7.72 -0.47 -1.94
N MET A 29 7.30 -0.13 -3.13
CA MET A 29 8.23 -0.13 -4.28
C MET A 29 8.55 1.31 -4.70
N ASN A 30 9.72 1.52 -5.23
CA ASN A 30 10.11 2.90 -5.67
C ASN A 30 9.76 3.91 -4.57
N ARG A 31 10.32 3.75 -3.40
CA ARG A 31 10.03 4.70 -2.28
C ARG A 31 8.55 5.06 -2.30
N HIS A 32 7.75 4.13 -2.70
CA HIS A 32 6.28 4.40 -2.76
C HIS A 32 5.48 3.13 -2.46
N CYS A 33 4.22 3.28 -2.10
CA CYS A 33 3.37 2.09 -1.80
C CYS A 33 2.77 1.53 -3.09
N ASN A 34 2.54 0.25 -3.11
CA ASN A 34 1.97 -0.39 -4.34
C ASN A 34 0.96 -1.48 -3.94
N CYS A 35 -0.28 -1.14 -3.70
CA CYS A 35 -1.27 -2.19 -3.31
C CYS A 35 -2.03 -2.64 -4.55
N TYR A 36 -3.01 -3.49 -4.37
CA TYR A 36 -3.81 -3.99 -5.54
C TYR A 36 -5.30 -3.80 -5.26
N ASN A 37 -5.64 -3.44 -4.07
CA ASN A 37 -7.09 -3.24 -3.73
C ASN A 37 -7.85 -4.52 -4.07
N ASN A 38 -7.20 -5.65 -3.97
CA ASN A 38 -7.90 -6.92 -4.30
C ASN A 38 -8.60 -7.46 -3.05
N CYS A 39 -8.41 -6.83 -1.93
CA CYS A 39 -9.08 -7.30 -0.69
C CYS A 39 -10.59 -7.10 -0.87
N PRO A 40 -11.41 -7.99 -0.38
CA PRO A 40 -12.87 -7.85 -0.51
C PRO A 40 -13.29 -6.46 -0.06
N TRP A 41 -14.57 -6.26 0.21
CA TRP A 41 -15.07 -4.92 0.69
C TRP A 41 -16.23 -4.51 -0.23
CA VAL A 1 -3.16 0.03 -7.24
C VAL A 1 -1.79 0.65 -6.95
N HIS A 2 -1.03 0.93 -7.98
CA HIS A 2 0.32 1.52 -7.75
C HIS A 2 0.18 2.97 -7.28
N THR A 3 0.59 3.24 -6.06
CA THR A 3 0.47 4.62 -5.51
C THR A 3 1.87 5.23 -5.36
N ASN A 4 1.93 6.51 -5.09
CA ASN A 4 3.26 7.18 -4.94
C ASN A 4 3.45 7.63 -3.52
N ILE A 5 2.95 6.86 -2.61
CA ILE A 5 3.09 7.20 -1.18
C ILE A 5 4.52 6.87 -0.76
N PRO A 6 5.22 7.83 -0.25
CA PRO A 6 6.64 7.66 0.18
C PRO A 6 6.77 6.94 1.53
N CYS A 7 7.31 5.74 1.50
CA CYS A 7 7.50 4.94 2.75
C CYS A 7 8.93 4.45 2.86
N ARG A 8 9.11 3.45 3.67
CA ARG A 8 10.44 2.82 3.86
C ARG A 8 10.33 1.36 3.41
N GLY A 9 9.19 0.76 3.65
CA GLY A 9 8.98 -0.66 3.25
C GLY A 9 7.48 -1.00 3.22
N THR A 10 7.13 -2.10 2.60
CA THR A 10 5.69 -2.50 2.54
C THR A 10 5.11 -2.53 3.95
N SER A 11 5.77 -3.18 4.87
CA SER A 11 5.25 -3.23 6.26
C SER A 11 5.27 -1.83 6.87
N ASP A 12 4.86 -0.84 6.11
CA ASP A 12 4.88 0.54 6.64
C ASP A 12 4.10 1.41 5.67
N CYS A 13 4.33 1.19 4.41
CA CYS A 13 3.63 1.95 3.36
C CYS A 13 2.25 1.34 3.15
N TYR A 14 2.06 0.14 3.61
CA TYR A 14 0.77 -0.53 3.38
C TYR A 14 -0.26 -0.11 4.44
N GLU A 15 0.12 0.78 5.31
CA GLU A 15 -0.83 1.23 6.34
C GLU A 15 -1.83 2.18 5.67
N PRO A 16 -1.36 3.05 4.81
CA PRO A 16 -2.24 3.96 4.06
C PRO A 16 -3.20 3.14 3.19
N CYS A 17 -2.81 1.95 2.80
CA CYS A 17 -3.73 1.14 1.95
C CYS A 17 -4.85 0.59 2.82
N GLU A 18 -4.57 0.28 4.06
CA GLU A 18 -5.64 -0.25 4.93
C GLU A 18 -6.61 0.87 5.23
N LYS A 19 -6.07 1.91 5.76
CA LYS A 19 -6.87 3.10 6.14
C LYS A 19 -7.34 3.83 4.87
N LYS A 20 -6.63 3.67 3.78
CA LYS A 20 -7.07 4.37 2.52
C LYS A 20 -8.04 3.48 1.75
N TYR A 21 -7.53 2.44 1.13
CA TYR A 21 -8.40 1.54 0.36
C TYR A 21 -9.19 0.62 1.29
N ASN A 22 -8.99 0.74 2.58
CA ASN A 22 -9.73 -0.17 3.51
C ASN A 22 -9.51 -1.60 3.04
N CYS A 23 -8.31 -1.91 2.65
CA CYS A 23 -8.02 -3.27 2.13
C CYS A 23 -6.60 -3.71 2.48
N ALA A 24 -5.74 -2.77 2.73
CA ALA A 24 -4.35 -3.10 3.08
C ALA A 24 -3.69 -3.89 1.96
N ARG A 25 -2.86 -4.83 2.32
CA ARG A 25 -2.15 -5.65 1.31
C ARG A 25 -1.53 -4.73 0.28
N ALA A 26 -0.66 -3.85 0.71
CA ALA A 26 0.01 -2.93 -0.26
C ALA A 26 1.46 -3.38 -0.46
N LYS A 27 2.18 -2.69 -1.30
CA LYS A 27 3.59 -3.05 -1.55
C LYS A 27 4.42 -1.77 -1.66
N CYS A 28 5.47 -1.64 -0.91
CA CYS A 28 6.27 -0.39 -1.04
C CYS A 28 7.36 -0.58 -2.10
N MET A 29 7.09 -0.16 -3.31
CA MET A 29 8.08 -0.31 -4.41
C MET A 29 8.68 1.06 -4.73
N ASN A 30 9.93 1.09 -5.10
CA ASN A 30 10.56 2.39 -5.46
C ASN A 30 10.22 3.44 -4.41
N ARG A 31 10.60 3.24 -3.18
CA ARG A 31 10.31 4.24 -2.11
C ARG A 31 8.90 4.77 -2.27
N HIS A 32 8.01 3.93 -2.69
CA HIS A 32 6.58 4.37 -2.86
C HIS A 32 5.61 3.21 -2.57
N CYS A 33 4.35 3.52 -2.36
CA CYS A 33 3.35 2.45 -2.07
C CYS A 33 2.87 1.79 -3.35
N ASN A 34 2.53 0.54 -3.27
CA ASN A 34 2.02 -0.17 -4.46
C ASN A 34 0.98 -1.21 -4.03
N CYS A 35 -0.28 -0.85 -3.95
CA CYS A 35 -1.30 -1.85 -3.53
C CYS A 35 -1.86 -2.54 -4.77
N TYR A 36 -2.87 -3.33 -4.61
CA TYR A 36 -3.44 -4.06 -5.79
C TYR A 36 -4.97 -4.01 -5.71
N ASN A 37 -5.50 -3.35 -4.72
CA ASN A 37 -6.98 -3.29 -4.57
C ASN A 37 -7.55 -4.71 -4.61
N ASN A 38 -6.70 -5.71 -4.69
CA ASN A 38 -7.20 -7.12 -4.74
C ASN A 38 -7.28 -7.69 -3.32
N CYS A 39 -7.15 -6.85 -2.34
CA CYS A 39 -7.21 -7.34 -0.93
C CYS A 39 -8.55 -8.04 -0.69
N PRO A 40 -8.59 -9.05 0.14
CA PRO A 40 -9.82 -9.83 0.42
C PRO A 40 -11.05 -8.95 0.66
N TRP A 41 -10.95 -7.97 1.54
CA TRP A 41 -12.13 -7.09 1.79
C TRP A 41 -11.93 -5.74 1.10
CA VAL A 1 -2.55 -0.27 -7.44
C VAL A 1 -1.22 0.42 -7.09
N HIS A 2 -0.46 0.79 -8.08
CA HIS A 2 0.83 1.45 -7.82
C HIS A 2 0.58 2.88 -7.35
N THR A 3 0.83 3.14 -6.09
CA THR A 3 0.60 4.51 -5.55
C THR A 3 1.93 5.24 -5.43
N ASN A 4 1.90 6.52 -5.21
CA ASN A 4 3.17 7.30 -5.08
C ASN A 4 3.32 7.77 -3.65
N ILE A 5 2.86 6.98 -2.75
CA ILE A 5 2.98 7.31 -1.31
C ILE A 5 4.44 7.09 -0.94
N PRO A 6 5.09 8.09 -0.45
CA PRO A 6 6.54 8.02 -0.09
C PRO A 6 6.79 7.21 1.18
N CYS A 7 7.35 6.03 1.01
CA CYS A 7 7.65 5.13 2.18
C CYS A 7 9.03 4.51 2.02
N ARG A 8 9.29 3.50 2.79
CA ARG A 8 10.61 2.81 2.72
C ARG A 8 10.36 1.30 2.63
N GLY A 9 9.47 0.80 3.45
CA GLY A 9 9.19 -0.65 3.44
C GLY A 9 7.69 -0.89 3.32
N THR A 10 7.31 -1.99 2.73
CA THR A 10 5.87 -2.33 2.57
C THR A 10 5.22 -2.38 3.94
N SER A 11 5.82 -3.08 4.85
CA SER A 11 5.25 -3.20 6.21
C SER A 11 5.18 -1.85 6.91
N ASP A 12 4.86 -0.78 6.22
CA ASP A 12 4.80 0.55 6.89
C ASP A 12 4.01 1.45 5.97
N CYS A 13 4.24 1.30 4.71
CA CYS A 13 3.52 2.08 3.69
C CYS A 13 2.21 1.39 3.38
N TYR A 14 2.08 0.17 3.75
CA TYR A 14 0.83 -0.53 3.41
C TYR A 14 -0.27 -0.18 4.41
N GLU A 15 0.02 0.66 5.34
CA GLU A 15 -1.01 1.06 6.30
C GLU A 15 -1.96 2.04 5.62
N PRO A 16 -1.44 2.99 4.88
CA PRO A 16 -2.28 3.94 4.12
C PRO A 16 -3.20 3.19 3.16
N CYS A 17 -2.80 2.03 2.72
CA CYS A 17 -3.67 1.26 1.80
C CYS A 17 -4.74 0.50 2.60
N GLU A 18 -4.49 0.19 3.85
CA GLU A 18 -5.53 -0.51 4.63
C GLU A 18 -6.61 0.48 5.01
N LYS A 19 -6.20 1.45 5.77
CA LYS A 19 -7.12 2.49 6.27
C LYS A 19 -7.64 3.34 5.11
N LYS A 20 -6.85 3.57 4.08
CA LYS A 20 -7.35 4.41 2.94
C LYS A 20 -7.99 3.53 1.85
N TYR A 21 -7.27 2.57 1.34
CA TYR A 21 -7.82 1.71 0.27
C TYR A 21 -8.69 0.62 0.89
N ASN A 22 -8.75 0.57 2.19
CA ASN A 22 -9.58 -0.48 2.86
C ASN A 22 -9.21 -1.85 2.29
N CYS A 23 -7.96 -2.10 2.02
CA CYS A 23 -7.56 -3.42 1.45
C CYS A 23 -6.17 -3.82 1.94
N ALA A 24 -5.31 -2.87 2.11
CA ALA A 24 -3.95 -3.20 2.60
C ALA A 24 -3.21 -4.08 1.59
N ARG A 25 -2.45 -5.03 2.07
CA ARG A 25 -1.67 -5.92 1.15
C ARG A 25 -0.95 -5.04 0.14
N ALA A 26 -0.41 -3.96 0.61
CA ALA A 26 0.30 -3.02 -0.30
C ALA A 26 1.78 -3.38 -0.39
N LYS A 27 2.50 -2.68 -1.24
CA LYS A 27 3.95 -2.94 -1.43
C LYS A 27 4.71 -1.60 -1.50
N CYS A 28 5.74 -1.41 -0.70
CA CYS A 28 6.47 -0.10 -0.76
C CYS A 28 7.51 -0.16 -1.90
N MET A 29 7.06 -0.06 -3.13
CA MET A 29 8.01 -0.12 -4.29
C MET A 29 8.72 1.23 -4.46
N ASN A 30 10.00 1.21 -4.72
CA ASN A 30 10.77 2.48 -4.90
C ASN A 30 10.27 3.53 -3.89
N ARG A 31 10.46 3.26 -2.63
CA ARG A 31 10.01 4.20 -1.56
C ARG A 31 8.60 4.68 -1.88
N HIS A 32 7.79 3.82 -2.38
CA HIS A 32 6.39 4.23 -2.71
C HIS A 32 5.42 3.07 -2.44
N CYS A 33 4.18 3.39 -2.13
CA CYS A 33 3.18 2.32 -1.83
C CYS A 33 2.68 1.68 -3.14
N ASN A 34 2.47 0.39 -3.13
CA ASN A 34 1.98 -0.31 -4.34
C ASN A 34 1.07 -1.48 -3.93
N CYS A 35 -0.22 -1.27 -3.81
CA CYS A 35 -1.12 -2.38 -3.43
C CYS A 35 -1.84 -2.87 -4.67
N TYR A 36 -2.85 -3.69 -4.50
CA TYR A 36 -3.60 -4.21 -5.67
C TYR A 36 -5.09 -3.88 -5.44
N ASN A 37 -5.38 -3.29 -4.30
CA ASN A 37 -6.78 -2.87 -3.95
C ASN A 37 -7.77 -4.01 -4.18
N ASN A 38 -7.36 -5.23 -4.02
CA ASN A 38 -8.29 -6.37 -4.23
C ASN A 38 -9.04 -6.68 -2.93
N CYS A 39 -8.31 -7.12 -1.93
CA CYS A 39 -8.91 -7.48 -0.60
C CYS A 39 -10.45 -7.58 -0.69
N PRO A 40 -10.98 -8.79 -0.67
CA PRO A 40 -12.45 -9.04 -0.75
C PRO A 40 -13.25 -8.12 0.18
N TRP A 41 -13.36 -6.88 -0.18
CA TRP A 41 -14.10 -5.91 0.67
C TRP A 41 -15.36 -5.45 -0.09
#